data_1XO0
#
_entry.id   1XO0
#
_cell.length_a   107.400
_cell.length_b   123.000
_cell.length_c   180.200
_cell.angle_alpha   90.00
_cell.angle_beta   90.00
_cell.angle_gamma   90.00
#
_symmetry.space_group_name_H-M   'C 2 2 21'
#
loop_
_entity.id
_entity.type
_entity.pdbx_description
1 polymer loxP
2 polymer loxP
3 polymer 'Recombinase CRE'
4 water water
#
loop_
_entity_poly.entity_id
_entity_poly.type
_entity_poly.pdbx_seq_one_letter_code
_entity_poly.pdbx_strand_id
1 'polydeoxyribonucleotide'
;(DT)(DA)(DT)(DA)(DA)(DC)(DT)(DT)(DC)(DG)(DT)(DA)(DT)(DA)(DA)(DT)(DG)(DT)(DA)(DT)
(DG)(DC)(DT)(DA)(DT)(DA)(DC)(DG)(DA)(DA)(DG)(DT)(DT)(DA)(DT)
;
C
2 'polydeoxyribonucleotide'
;(DT)(DA)(DT)(DA)(DA)(DC)(DT)(DT)(DC)(DG)(DT)(DA)(DT)(DA)(DG)(DC)(DA)(DT)(DA)(DC)
(DA)(DT)(DT)(DA)(DT)(DA)(DC)(DG)(DA)(DA)(DG)(DT)(DT)(DA)(DT)
;
D
3 'polypeptide(L)'
;SDEVRKNLMDMFRDRQAFSEHTWKMLLSVCRSWAAWCKLNNRKWFPAEPEDVRDYLLYLQARGLAVKTIQQHLGQLNMLH
RRSGLPRPSDSNAVSLVMRRIRKENVDAGERAKQALAFERTDFDQVRSLMENSDRCQDIRNLAFLGIAYNTLLKIAEIAR
IRVKDISRTDGGRMLIHIGRTKTLVSTAGVEKALSLGVTKLVERWISVSGVADDPNNYLFCRVRKNGVAAPSATSQLSTR
ALEGIFEATHRLIYGAKDDSGQRYLAWSGHSARVGAARDMARAGVSIPEIMQAGGWTNVNIVMNYIRNLDSETGAMVRLL
EDGD
;
A,B
#
loop_
_chem_comp.id
_chem_comp.type
_chem_comp.name
_chem_comp.formula
DA DNA linking 2'-DEOXYADENOSINE-5'-MONOPHOSPHATE 'C10 H14 N5 O6 P'
DC DNA linking 2'-DEOXYCYTIDINE-5'-MONOPHOSPHATE 'C9 H14 N3 O7 P'
DG DNA linking 2'-DEOXYGUANOSINE-5'-MONOPHOSPHATE 'C10 H14 N5 O7 P'
DT DNA linking THYMIDINE-5'-MONOPHOSPHATE 'C10 H15 N2 O8 P'
#
# COMPACT_ATOMS: atom_id res chain seq x y z
N SER C 1 15.19 -3.47 36.76
CA SER C 1 15.04 -4.93 36.50
C SER C 1 13.57 -5.32 36.55
N ASP C 2 12.79 -4.60 37.34
CA ASP C 2 11.37 -4.86 37.44
C ASP C 2 10.75 -4.30 36.18
N GLU C 3 11.30 -3.17 35.73
CA GLU C 3 10.73 -2.55 34.55
C GLU C 3 11.18 -3.17 33.24
N VAL C 4 12.30 -3.88 33.23
CA VAL C 4 12.67 -4.54 31.99
C VAL C 4 11.95 -5.90 32.01
N ARG C 5 11.58 -6.38 33.19
CA ARG C 5 10.87 -7.66 33.28
C ARG C 5 9.47 -7.45 32.72
N LYS C 6 8.88 -6.30 33.03
CA LYS C 6 7.56 -5.95 32.55
C LYS C 6 7.58 -5.79 31.02
N ASN C 7 8.62 -5.12 30.51
CA ASN C 7 8.75 -4.90 29.08
C ASN C 7 8.93 -6.20 28.29
N LEU C 8 9.61 -7.17 28.88
CA LEU C 8 9.82 -8.46 28.24
C LEU C 8 8.51 -9.25 28.21
N MET C 9 7.65 -9.01 29.21
CA MET C 9 6.34 -9.68 29.30
C MET C 9 5.38 -9.01 28.29
N ASP C 10 5.61 -7.73 28.03
CA ASP C 10 4.82 -6.93 27.08
C ASP C 10 5.08 -7.51 25.70
N MET C 11 6.38 -7.69 25.41
CA MET C 11 6.87 -8.25 24.15
C MET C 11 6.26 -9.61 23.85
N PHE C 12 6.23 -10.49 24.85
CA PHE C 12 5.67 -11.80 24.64
C PHE C 12 4.15 -11.82 24.54
N ARG C 13 3.49 -11.02 25.36
CA ARG C 13 2.03 -10.97 25.31
C ARG C 13 1.55 -10.54 23.92
N ASP C 14 2.22 -9.58 23.31
CA ASP C 14 1.83 -9.11 21.98
C ASP C 14 2.86 -9.52 20.93
N ARG C 15 3.31 -10.78 21.00
CA ARG C 15 4.30 -11.29 20.06
C ARG C 15 3.77 -11.31 18.65
N GLN C 16 2.45 -11.36 18.52
CA GLN C 16 1.79 -11.35 17.22
C GLN C 16 1.95 -10.01 16.50
N ALA C 17 2.64 -9.09 17.14
CA ALA C 17 2.90 -7.78 16.55
C ALA C 17 3.91 -7.95 15.42
N PHE C 18 4.72 -9.00 15.50
CA PHE C 18 5.73 -9.25 14.48
C PHE C 18 5.53 -10.62 13.85
N SER C 19 6.02 -10.77 12.63
CA SER C 19 5.88 -12.04 11.94
C SER C 19 6.81 -13.11 12.50
N GLU C 20 6.46 -14.38 12.31
CA GLU C 20 7.28 -15.47 12.80
C GLU C 20 8.69 -15.46 12.22
N HIS C 21 8.84 -14.97 11.01
CA HIS C 21 10.15 -14.90 10.37
C HIS C 21 11.02 -13.87 11.08
N THR C 22 10.38 -12.84 11.60
CA THR C 22 11.11 -11.78 12.31
C THR C 22 11.59 -12.29 13.64
N TRP C 23 10.73 -13.06 14.31
CA TRP C 23 11.06 -13.65 15.61
C TRP C 23 12.25 -14.60 15.51
N LYS C 24 12.23 -15.48 14.51
CA LYS C 24 13.29 -16.45 14.27
C LYS C 24 14.65 -15.76 14.09
N MET C 25 14.64 -14.65 13.36
CA MET C 25 15.87 -13.90 13.10
C MET C 25 16.38 -13.26 14.42
N LEU C 26 15.46 -12.79 15.26
CA LEU C 26 15.83 -12.21 16.54
C LEU C 26 16.47 -13.27 17.43
N LEU C 27 15.82 -14.44 17.51
CA LEU C 27 16.34 -15.54 18.33
C LEU C 27 17.71 -15.95 17.83
N SER C 28 17.88 -15.87 16.52
CA SER C 28 19.13 -16.23 15.89
C SER C 28 20.28 -15.28 16.26
N VAL C 29 20.04 -13.98 16.31
CA VAL C 29 21.11 -13.03 16.67
C VAL C 29 21.49 -13.13 18.15
N CYS C 30 20.50 -13.37 19.01
CA CYS C 30 20.73 -13.51 20.45
C CYS C 30 21.56 -14.72 20.77
N ARG C 31 21.30 -15.79 20.05
CA ARG C 31 22.03 -17.02 20.25
C ARG C 31 23.49 -16.83 19.90
N SER C 32 23.73 -16.12 18.80
CA SER C 32 25.09 -15.87 18.34
C SER C 32 25.83 -14.87 19.24
N TRP C 33 25.12 -13.84 19.64
CA TRP C 33 25.70 -12.81 20.48
C TRP C 33 26.02 -13.47 21.82
N ALA C 34 25.03 -14.16 22.38
CA ALA C 34 25.21 -14.83 23.66
C ALA C 34 26.38 -15.82 23.61
N ALA C 35 26.42 -16.65 22.57
CA ALA C 35 27.49 -17.62 22.42
C ALA C 35 28.85 -16.93 22.36
N TRP C 36 28.94 -15.82 21.65
CA TRP C 36 30.21 -15.08 21.54
C TRP C 36 30.60 -14.52 22.92
N CYS C 37 29.61 -14.03 23.64
CA CYS C 37 29.81 -13.45 24.97
C CYS C 37 30.39 -14.47 25.95
N LYS C 38 29.73 -15.62 26.07
CA LYS C 38 30.17 -16.68 26.96
C LYS C 38 31.59 -17.10 26.62
N LEU C 39 31.85 -17.27 25.33
CA LEU C 39 33.16 -17.66 24.85
C LEU C 39 34.23 -16.61 25.14
N ASN C 40 33.82 -15.36 25.26
CA ASN C 40 34.79 -14.31 25.50
C ASN C 40 34.66 -13.69 26.89
N ASN C 41 33.82 -14.30 27.72
CA ASN C 41 33.62 -13.82 29.08
C ASN C 41 33.15 -12.37 29.21
N ARG C 42 31.94 -12.10 28.72
CA ARG C 42 31.32 -10.77 28.79
C ARG C 42 29.83 -10.96 29.07
N LYS C 43 29.20 -9.96 29.71
CA LYS C 43 27.77 -10.05 30.00
C LYS C 43 27.01 -9.73 28.71
N TRP C 44 26.02 -10.56 28.39
CA TRP C 44 25.30 -10.34 27.15
C TRP C 44 24.06 -9.46 27.32
N PHE C 45 23.68 -9.18 28.56
CA PHE C 45 22.49 -8.36 28.77
C PHE C 45 22.47 -7.66 30.11
N PRO C 46 22.46 -6.33 30.11
CA PRO C 46 22.50 -5.47 28.94
C PRO C 46 23.89 -5.52 28.30
N ALA C 47 23.95 -5.23 27.01
CA ALA C 47 25.21 -5.26 26.29
C ALA C 47 25.96 -3.94 26.41
N GLU C 48 27.25 -4.03 26.75
CA GLU C 48 28.08 -2.86 26.89
C GLU C 48 28.67 -2.48 25.54
N PRO C 49 28.65 -1.18 25.20
CA PRO C 49 29.17 -0.62 23.94
C PRO C 49 30.54 -1.16 23.50
N GLU C 50 31.46 -1.29 24.43
CA GLU C 50 32.78 -1.79 24.06
C GLU C 50 32.73 -3.27 23.66
N ASP C 51 31.81 -4.03 24.27
CA ASP C 51 31.70 -5.45 23.93
C ASP C 51 31.01 -5.64 22.60
N VAL C 52 29.97 -4.85 22.36
CA VAL C 52 29.26 -4.94 21.10
C VAL C 52 30.24 -4.57 19.99
N ARG C 53 31.15 -3.65 20.27
CA ARG C 53 32.14 -3.21 19.30
C ARG C 53 33.11 -4.34 18.92
N ASP C 54 33.56 -5.11 19.91
CA ASP C 54 34.46 -6.24 19.67
C ASP C 54 33.74 -7.35 18.90
N TYR C 55 32.44 -7.44 19.13
CA TYR C 55 31.59 -8.44 18.50
C TYR C 55 31.40 -8.10 17.02
N LEU C 56 31.10 -6.84 16.72
CA LEU C 56 30.89 -6.42 15.35
C LEU C 56 32.14 -6.63 14.53
N LEU C 57 33.30 -6.40 15.15
CA LEU C 57 34.58 -6.60 14.48
C LEU C 57 34.78 -8.10 14.23
N TYR C 58 34.25 -8.90 15.15
CA TYR C 58 34.32 -10.35 15.06
C TYR C 58 33.52 -10.80 13.83
N LEU C 59 32.29 -10.29 13.69
CA LEU C 59 31.46 -10.63 12.55
C LEU C 59 32.11 -10.21 11.22
N GLN C 60 32.86 -9.10 11.23
CA GLN C 60 33.54 -8.63 10.03
C GLN C 60 34.62 -9.61 9.62
N ALA C 61 35.35 -10.11 10.60
CA ALA C 61 36.41 -11.07 10.39
C ALA C 61 35.86 -12.42 9.92
N ARG C 62 34.61 -12.70 10.27
CA ARG C 62 33.95 -13.93 9.86
C ARG C 62 33.57 -13.83 8.40
N GLY C 63 33.81 -12.66 7.83
CA GLY C 63 33.49 -12.43 6.43
C GLY C 63 32.03 -12.20 6.11
N LEU C 64 31.24 -11.70 7.06
CA LEU C 64 29.83 -11.47 6.76
C LEU C 64 29.60 -10.16 6.01
N ALA C 65 28.50 -10.10 5.27
CA ALA C 65 28.13 -8.90 4.52
C ALA C 65 27.75 -7.78 5.48
N VAL C 66 28.02 -6.54 5.09
CA VAL C 66 27.68 -5.38 5.92
C VAL C 66 26.18 -5.44 6.24
N LYS C 67 25.38 -5.83 5.26
CA LYS C 67 23.94 -5.96 5.41
C LYS C 67 23.64 -6.87 6.60
N THR C 68 24.40 -7.95 6.70
CA THR C 68 24.25 -8.93 7.75
C THR C 68 24.67 -8.38 9.11
N ILE C 69 25.80 -7.70 9.14
CA ILE C 69 26.30 -7.16 10.39
C ILE C 69 25.34 -6.11 10.90
N GLN C 70 24.67 -5.42 9.99
CA GLN C 70 23.72 -4.38 10.36
C GLN C 70 22.46 -5.04 10.94
N GLN C 71 22.18 -6.27 10.54
CA GLN C 71 21.02 -6.99 11.05
C GLN C 71 21.26 -7.40 12.52
N HIS C 72 22.49 -7.81 12.83
CA HIS C 72 22.82 -8.18 14.20
C HIS C 72 22.69 -6.96 15.09
N LEU C 73 23.38 -5.89 14.72
CA LEU C 73 23.34 -4.67 15.49
C LEU C 73 21.89 -4.20 15.61
N GLY C 74 21.16 -4.32 14.52
CA GLY C 74 19.77 -3.89 14.51
C GLY C 74 18.90 -4.61 15.52
N GLN C 75 18.93 -5.95 15.51
CA GLN C 75 18.12 -6.71 16.46
C GLN C 75 18.59 -6.40 17.88
N LEU C 76 19.90 -6.33 18.07
CA LEU C 76 20.47 -6.02 19.37
C LEU C 76 19.90 -4.68 19.84
N ASN C 77 19.76 -3.75 18.92
CA ASN C 77 19.21 -2.43 19.25
C ASN C 77 17.72 -2.46 19.60
N MET C 78 16.96 -3.37 18.96
CA MET C 78 15.52 -3.51 19.23
C MET C 78 15.38 -3.94 20.66
N LEU C 79 15.93 -5.12 20.93
CA LEU C 79 15.91 -5.71 22.26
C LEU C 79 16.04 -4.64 23.34
N HIS C 80 17.15 -3.92 23.31
CA HIS C 80 17.46 -2.88 24.29
C HIS C 80 16.49 -1.69 24.31
N ARG C 81 16.05 -1.23 23.15
CA ARG C 81 15.13 -0.09 23.09
C ARG C 81 13.77 -0.50 23.64
N ARG C 82 13.30 -1.67 23.23
CA ARG C 82 12.03 -2.19 23.69
C ARG C 82 12.09 -2.37 25.19
N SER C 83 13.18 -2.97 25.67
CA SER C 83 13.38 -3.26 27.09
C SER C 83 13.54 -2.06 28.04
N GLY C 84 13.82 -0.89 27.50
CA GLY C 84 13.96 0.28 28.36
C GLY C 84 15.43 0.61 28.56
N LEU C 85 16.28 -0.32 28.18
CA LEU C 85 17.72 -0.16 28.28
C LEU C 85 18.24 0.72 27.14
N PRO C 86 19.49 1.21 27.26
CA PRO C 86 20.08 2.06 26.22
C PRO C 86 20.68 1.26 25.06
N ARG C 87 20.36 1.67 23.85
CA ARG C 87 20.86 0.98 22.66
C ARG C 87 22.37 1.13 22.48
N PRO C 88 23.04 0.04 22.08
CA PRO C 88 24.49 0.08 21.84
C PRO C 88 24.85 1.05 20.71
N SER C 89 23.95 1.20 19.74
CA SER C 89 24.16 2.11 18.62
C SER C 89 24.25 3.54 19.11
N ASP C 90 23.72 3.78 20.30
CA ASP C 90 23.74 5.12 20.87
C ASP C 90 25.11 5.42 21.45
N SER C 91 26.01 4.45 21.34
CA SER C 91 27.36 4.63 21.84
C SER C 91 28.27 5.18 20.74
N ASN C 92 29.26 5.99 21.12
CA ASN C 92 30.19 6.55 20.15
C ASN C 92 31.13 5.47 19.55
N ALA C 93 31.58 4.52 20.39
CA ALA C 93 32.47 3.46 19.93
C ALA C 93 31.75 2.53 18.95
N VAL C 94 30.49 2.22 19.22
CA VAL C 94 29.74 1.35 18.33
C VAL C 94 29.42 2.08 17.03
N SER C 95 29.04 3.34 17.15
CA SER C 95 28.71 4.17 16.00
C SER C 95 29.92 4.29 15.09
N LEU C 96 31.09 4.38 15.71
CA LEU C 96 32.33 4.49 14.95
C LEU C 96 32.75 3.20 14.21
N VAL C 97 32.61 2.02 14.84
CA VAL C 97 32.99 0.78 14.16
C VAL C 97 32.09 0.46 13.00
N MET C 98 30.80 0.64 13.21
CA MET C 98 29.84 0.37 12.17
C MET C 98 30.23 1.19 10.93
N ARG C 99 30.63 2.44 11.14
CA ARG C 99 31.04 3.32 10.03
C ARG C 99 32.35 2.81 9.40
N ARG C 100 33.28 2.35 10.23
CA ARG C 100 34.56 1.83 9.78
C ARG C 100 34.36 0.53 8.98
N ILE C 101 33.57 -0.37 9.54
CA ILE C 101 33.27 -1.66 8.93
C ILE C 101 32.59 -1.42 7.59
N ARG C 102 31.54 -0.61 7.60
CA ARG C 102 30.79 -0.28 6.39
C ARG C 102 31.74 0.23 5.31
N LYS C 103 32.58 1.19 5.68
CA LYS C 103 33.50 1.80 4.73
C LYS C 103 34.61 0.85 4.27
N GLU C 104 35.16 0.10 5.20
CA GLU C 104 36.23 -0.84 4.88
C GLU C 104 35.76 -1.94 3.93
N ASN C 105 34.57 -2.48 4.19
CA ASN C 105 34.02 -3.56 3.39
C ASN C 105 33.62 -3.10 1.99
N VAL C 106 33.15 -1.86 1.88
CA VAL C 106 32.78 -1.35 0.57
C VAL C 106 34.06 -1.19 -0.26
N ASP C 107 35.15 -0.86 0.42
CA ASP C 107 36.44 -0.66 -0.24
C ASP C 107 37.06 -1.92 -0.78
N ALA C 108 36.89 -3.02 -0.06
CA ALA C 108 37.43 -4.31 -0.49
C ALA C 108 36.66 -4.84 -1.71
N GLY C 109 35.57 -4.15 -2.05
CA GLY C 109 34.75 -4.52 -3.18
C GLY C 109 33.52 -5.38 -2.91
N GLU C 110 32.76 -5.05 -1.87
CA GLU C 110 31.57 -5.82 -1.54
C GLU C 110 30.36 -5.36 -2.34
N ARG C 111 29.61 -6.31 -2.89
CA ARG C 111 28.43 -5.97 -3.67
C ARG C 111 27.31 -6.96 -3.40
N ALA C 112 26.08 -6.49 -3.50
CA ALA C 112 24.90 -7.33 -3.28
C ALA C 112 24.68 -8.17 -4.52
N LYS C 113 24.07 -9.34 -4.35
CA LYS C 113 23.80 -10.21 -5.48
C LYS C 113 22.30 -10.30 -5.69
N GLN C 114 21.91 -11.05 -6.71
CA GLN C 114 20.50 -11.25 -6.98
C GLN C 114 20.35 -12.49 -7.83
N ALA C 115 19.14 -13.05 -7.82
CA ALA C 115 18.83 -14.27 -8.54
C ALA C 115 19.34 -14.33 -9.99
N LEU C 116 19.92 -15.48 -10.33
CA LEU C 116 20.40 -15.73 -11.67
C LEU C 116 19.08 -15.72 -12.49
N ALA C 117 19.05 -14.97 -13.59
CA ALA C 117 17.85 -14.87 -14.40
C ALA C 117 17.39 -16.14 -15.13
N PHE C 118 16.08 -16.35 -15.12
CA PHE C 118 15.47 -17.48 -15.80
C PHE C 118 14.58 -16.82 -16.87
N GLU C 119 15.15 -16.60 -18.05
CA GLU C 119 14.43 -15.94 -19.13
C GLU C 119 13.64 -16.86 -20.07
N ARG C 120 13.04 -16.25 -21.07
CA ARG C 120 12.24 -16.97 -22.04
C ARG C 120 13.10 -18.00 -22.79
N THR C 121 14.35 -17.68 -23.07
CA THR C 121 15.21 -18.63 -23.76
C THR C 121 15.36 -19.89 -22.92
N ASP C 122 15.34 -19.71 -21.61
CA ASP C 122 15.48 -20.82 -20.68
C ASP C 122 14.19 -21.60 -20.56
N PHE C 123 13.08 -20.88 -20.56
CA PHE C 123 11.75 -21.49 -20.45
C PHE C 123 11.45 -22.34 -21.69
N ASP C 124 11.86 -21.83 -22.84
CA ASP C 124 11.66 -22.52 -24.10
C ASP C 124 12.42 -23.84 -24.05
N GLN C 125 13.69 -23.73 -23.66
CA GLN C 125 14.58 -24.87 -23.56
C GLN C 125 14.03 -25.94 -22.62
N VAL C 126 13.48 -25.52 -21.49
CA VAL C 126 12.94 -26.45 -20.53
C VAL C 126 11.66 -27.12 -21.03
N ARG C 127 10.78 -26.29 -21.61
CA ARG C 127 9.52 -26.77 -22.14
C ARG C 127 9.85 -27.87 -23.15
N SER C 128 10.71 -27.55 -24.11
CA SER C 128 11.09 -28.50 -25.13
C SER C 128 11.65 -29.82 -24.57
N LEU C 129 12.40 -29.73 -23.49
CA LEU C 129 13.04 -30.89 -22.89
C LEU C 129 12.11 -31.79 -22.10
N MET C 130 11.07 -31.21 -21.51
CA MET C 130 10.16 -31.99 -20.69
C MET C 130 8.69 -31.77 -21.00
N GLU C 131 8.38 -31.41 -22.24
CA GLU C 131 6.99 -31.17 -22.62
C GLU C 131 6.16 -32.42 -22.92
N ASN C 132 6.79 -33.42 -23.49
CA ASN C 132 6.08 -34.65 -23.82
C ASN C 132 6.15 -35.66 -22.69
N SER C 133 6.89 -35.32 -21.64
CA SER C 133 7.07 -36.20 -20.48
C SER C 133 5.75 -36.54 -19.83
N ASP C 134 5.60 -37.81 -19.47
CA ASP C 134 4.38 -38.27 -18.84
C ASP C 134 4.53 -38.29 -17.33
N ARG C 135 5.77 -38.10 -16.87
CA ARG C 135 6.08 -38.10 -15.45
C ARG C 135 5.34 -37.00 -14.72
N CYS C 136 4.53 -37.40 -13.75
CA CYS C 136 3.72 -36.48 -12.95
C CYS C 136 4.49 -35.31 -12.33
N GLN C 137 5.73 -35.55 -11.90
CA GLN C 137 6.51 -34.49 -11.27
C GLN C 137 6.98 -33.52 -12.35
N ASP C 138 7.20 -34.03 -13.55
CA ASP C 138 7.62 -33.17 -14.64
C ASP C 138 6.43 -32.30 -15.04
N ILE C 139 5.25 -32.92 -15.07
CA ILE C 139 4.03 -32.19 -15.43
C ILE C 139 3.78 -31.07 -14.42
N ARG C 140 4.02 -31.36 -13.14
CA ARG C 140 3.82 -30.36 -12.08
C ARG C 140 4.86 -29.25 -12.13
N ASN C 141 6.12 -29.63 -12.33
CA ASN C 141 7.20 -28.67 -12.35
C ASN C 141 7.12 -27.71 -13.53
N LEU C 142 6.66 -28.20 -14.68
CA LEU C 142 6.55 -27.34 -15.85
C LEU C 142 5.43 -26.33 -15.59
N ALA C 143 4.33 -26.80 -15.01
CA ALA C 143 3.22 -25.90 -14.70
C ALA C 143 3.73 -24.79 -13.78
N PHE C 144 4.49 -25.17 -12.76
CA PHE C 144 5.03 -24.21 -11.82
C PHE C 144 5.93 -23.21 -12.51
N LEU C 145 6.91 -23.71 -13.24
CA LEU C 145 7.83 -22.83 -13.95
C LEU C 145 7.08 -21.85 -14.85
N GLY C 146 5.97 -22.31 -15.43
CA GLY C 146 5.20 -21.44 -16.31
C GLY C 146 4.53 -20.29 -15.57
N ILE C 147 3.81 -20.63 -14.51
CA ILE C 147 3.11 -19.62 -13.72
C ILE C 147 4.08 -18.63 -13.14
N ALA C 148 5.24 -19.11 -12.71
CA ALA C 148 6.25 -18.26 -12.12
C ALA C 148 6.69 -17.18 -13.10
N TYR C 149 7.08 -17.61 -14.29
CA TYR C 149 7.54 -16.68 -15.32
C TYR C 149 6.42 -15.77 -15.84
N ASN C 150 5.25 -16.34 -16.04
CA ASN C 150 4.09 -15.64 -16.55
C ASN C 150 3.55 -14.60 -15.55
N THR C 151 3.47 -14.97 -14.29
CA THR C 151 2.90 -14.09 -13.27
C THR C 151 3.87 -13.27 -12.43
N LEU C 152 5.15 -13.64 -12.43
CA LEU C 152 6.14 -12.90 -11.65
C LEU C 152 5.85 -12.96 -10.15
N LEU C 153 4.95 -13.84 -9.73
CA LEU C 153 4.61 -13.96 -8.31
C LEU C 153 5.74 -14.59 -7.52
N LYS C 154 5.84 -14.27 -6.22
CA LYS C 154 6.89 -14.86 -5.36
C LYS C 154 6.50 -16.28 -4.95
N ILE C 155 7.46 -17.04 -4.42
CA ILE C 155 7.17 -18.43 -4.06
C ILE C 155 6.10 -18.63 -2.99
N ALA C 156 6.14 -17.83 -1.92
CA ALA C 156 5.15 -17.96 -0.86
C ALA C 156 3.75 -17.70 -1.39
N GLU C 157 3.66 -16.87 -2.43
CA GLU C 157 2.36 -16.54 -3.01
C GLU C 157 1.87 -17.66 -3.91
N ILE C 158 2.80 -18.36 -4.57
CA ILE C 158 2.39 -19.44 -5.45
C ILE C 158 2.01 -20.65 -4.61
N ALA C 159 2.63 -20.77 -3.45
CA ALA C 159 2.37 -21.87 -2.55
C ALA C 159 0.96 -21.77 -1.96
N ARG C 160 0.41 -20.56 -1.88
CA ARG C 160 -0.93 -20.34 -1.31
C ARG C 160 -2.09 -20.50 -2.27
N ILE C 161 -1.81 -20.49 -3.57
CA ILE C 161 -2.88 -20.62 -4.55
C ILE C 161 -3.68 -21.90 -4.41
N ARG C 162 -4.99 -21.77 -4.22
CA ARG C 162 -5.86 -22.95 -4.10
C ARG C 162 -6.62 -23.10 -5.43
N VAL C 163 -7.29 -24.23 -5.62
CA VAL C 163 -8.03 -24.48 -6.85
C VAL C 163 -9.15 -23.49 -7.12
N LYS C 164 -9.93 -23.17 -6.09
CA LYS C 164 -11.04 -22.23 -6.21
C LYS C 164 -10.61 -20.81 -6.57
N ASP C 165 -9.31 -20.58 -6.67
CA ASP C 165 -8.82 -19.25 -7.01
C ASP C 165 -8.56 -19.14 -8.50
N ILE C 166 -8.73 -20.25 -9.20
CA ILE C 166 -8.51 -20.24 -10.64
C ILE C 166 -9.87 -20.17 -11.34
N SER C 167 -9.96 -19.27 -12.32
CA SER C 167 -11.17 -19.09 -13.09
C SER C 167 -10.81 -18.95 -14.56
N ARG C 168 -11.77 -18.56 -15.38
CA ARG C 168 -11.51 -18.39 -16.81
C ARG C 168 -11.82 -16.95 -17.20
N THR C 169 -10.92 -16.36 -18.00
CA THR C 169 -11.07 -14.97 -18.41
C THR C 169 -11.42 -14.78 -19.89
N ASP C 170 -10.86 -15.62 -20.76
CA ASP C 170 -11.15 -15.51 -22.19
C ASP C 170 -10.43 -16.55 -23.03
N GLY C 171 -11.07 -16.98 -24.11
CA GLY C 171 -10.48 -17.95 -25.01
C GLY C 171 -10.01 -19.19 -24.27
N GLY C 172 -10.58 -19.40 -23.09
CA GLY C 172 -10.20 -20.56 -22.30
C GLY C 172 -8.91 -20.32 -21.53
N ARG C 173 -8.47 -19.07 -21.46
CA ARG C 173 -7.26 -18.73 -20.73
C ARG C 173 -7.61 -18.75 -19.26
N MET C 174 -6.62 -18.87 -18.38
CA MET C 174 -6.90 -18.94 -16.96
C MET C 174 -6.71 -17.64 -16.19
N LEU C 175 -7.37 -17.55 -15.05
CA LEU C 175 -7.31 -16.38 -14.19
C LEU C 175 -7.07 -16.77 -12.73
N ILE C 176 -6.02 -16.23 -12.14
CA ILE C 176 -5.64 -16.55 -10.76
C ILE C 176 -5.84 -15.39 -9.80
N HIS C 177 -6.90 -15.45 -8.99
CA HIS C 177 -7.13 -14.37 -8.05
C HIS C 177 -6.10 -14.52 -6.93
N ILE C 178 -5.01 -13.76 -7.08
CA ILE C 178 -3.92 -13.78 -6.11
C ILE C 178 -4.03 -12.60 -5.13
N GLY C 179 -3.11 -12.54 -4.17
CA GLY C 179 -3.11 -11.47 -3.21
C GLY C 179 -1.64 -11.22 -2.99
N ARG C 180 -1.14 -10.08 -3.47
CA ARG C 180 0.29 -9.76 -3.36
C ARG C 180 0.59 -8.55 -2.49
N THR C 181 -0.42 -8.09 -1.74
CA THR C 181 -0.23 -6.92 -0.88
C THR C 181 -0.45 -7.21 0.61
N LYS C 182 0.50 -6.75 1.44
CA LYS C 182 0.45 -6.95 2.89
C LYS C 182 0.33 -5.63 3.66
N THR C 183 -0.28 -4.63 3.02
CA THR C 183 -0.47 -3.32 3.65
C THR C 183 -1.95 -2.95 3.68
N LEU C 184 -2.31 -2.07 4.62
CA LEU C 184 -3.71 -1.63 4.77
C LEU C 184 -4.17 -0.74 3.61
N VAL C 185 -3.30 0.17 3.18
CA VAL C 185 -3.60 1.06 2.08
C VAL C 185 -3.01 0.47 0.79
N SER C 186 -3.75 -0.46 0.19
CA SER C 186 -3.32 -1.14 -1.03
C SER C 186 -4.52 -1.83 -1.63
N THR C 187 -4.31 -2.53 -2.75
CA THR C 187 -5.42 -3.22 -3.40
C THR C 187 -5.64 -4.61 -2.81
N ALA C 188 -6.91 -4.95 -2.62
CA ALA C 188 -7.31 -6.23 -2.06
C ALA C 188 -6.59 -7.40 -2.74
N GLY C 189 -6.79 -7.52 -4.05
CA GLY C 189 -6.14 -8.60 -4.78
C GLY C 189 -6.05 -8.25 -6.23
N VAL C 190 -5.28 -9.04 -6.95
CA VAL C 190 -5.09 -8.83 -8.38
C VAL C 190 -5.54 -10.09 -9.09
N GLU C 191 -5.63 -10.03 -10.41
CA GLU C 191 -5.99 -11.18 -11.21
C GLU C 191 -4.89 -11.39 -12.23
N LYS C 192 -4.15 -12.49 -12.09
CA LYS C 192 -3.06 -12.80 -13.01
C LYS C 192 -3.59 -13.71 -14.08
N ALA C 193 -3.36 -13.34 -15.34
CA ALA C 193 -3.85 -14.13 -16.46
C ALA C 193 -2.71 -14.91 -17.10
N LEU C 194 -2.97 -16.15 -17.48
CA LEU C 194 -1.93 -16.95 -18.09
C LEU C 194 -2.11 -17.11 -19.58
N SER C 195 -1.00 -17.04 -20.31
CA SER C 195 -1.05 -17.20 -21.76
C SER C 195 -1.77 -18.52 -22.08
N LEU C 196 -2.14 -18.69 -23.34
CA LEU C 196 -2.84 -19.90 -23.75
C LEU C 196 -1.91 -21.09 -23.54
N GLY C 197 -0.63 -20.86 -23.80
CA GLY C 197 0.35 -21.91 -23.62
C GLY C 197 0.41 -22.35 -22.17
N VAL C 198 0.72 -21.41 -21.28
CA VAL C 198 0.81 -21.70 -19.85
C VAL C 198 -0.45 -22.33 -19.25
N THR C 199 -1.60 -21.95 -19.79
CA THR C 199 -2.89 -22.47 -19.32
C THR C 199 -3.05 -23.97 -19.57
N LYS C 200 -2.54 -24.44 -20.72
CA LYS C 200 -2.59 -25.86 -21.08
C LYS C 200 -1.70 -26.69 -20.17
N LEU C 201 -0.65 -26.04 -19.65
CA LEU C 201 0.31 -26.66 -18.76
C LEU C 201 -0.31 -26.93 -17.40
N VAL C 202 -1.05 -25.95 -16.88
CA VAL C 202 -1.69 -26.09 -15.57
C VAL C 202 -2.86 -27.04 -15.66
N GLU C 203 -3.49 -27.07 -16.82
CA GLU C 203 -4.62 -27.98 -17.01
C GLU C 203 -4.12 -29.42 -16.92
N ARG C 204 -3.06 -29.73 -17.66
CA ARG C 204 -2.50 -31.08 -17.66
C ARG C 204 -1.99 -31.50 -16.28
N TRP C 205 -1.70 -30.54 -15.41
CA TRP C 205 -1.22 -30.85 -14.07
C TRP C 205 -2.42 -31.19 -13.16
N ILE C 206 -3.43 -30.32 -13.17
CA ILE C 206 -4.62 -30.53 -12.36
C ILE C 206 -5.35 -31.82 -12.69
N SER C 207 -5.17 -32.28 -13.94
CA SER C 207 -5.79 -33.52 -14.39
C SER C 207 -4.99 -34.75 -13.93
N VAL C 208 -3.67 -34.66 -14.03
CA VAL C 208 -2.81 -35.75 -13.63
C VAL C 208 -2.69 -35.78 -12.13
N SER C 209 -3.11 -34.70 -11.49
CA SER C 209 -2.99 -34.60 -10.04
C SER C 209 -4.28 -34.89 -9.29
N GLY C 210 -5.35 -34.22 -9.70
CA GLY C 210 -6.63 -34.39 -9.05
C GLY C 210 -6.81 -33.41 -7.90
N VAL C 211 -6.07 -32.30 -7.95
CA VAL C 211 -6.15 -31.29 -6.91
C VAL C 211 -7.49 -30.59 -7.00
N ALA C 212 -8.08 -30.63 -8.19
CA ALA C 212 -9.36 -29.99 -8.46
C ALA C 212 -10.54 -30.73 -7.84
N ASP C 213 -10.28 -31.92 -7.32
CA ASP C 213 -11.34 -32.71 -6.70
C ASP C 213 -11.89 -32.07 -5.43
N ASP C 214 -11.40 -30.89 -5.13
CA ASP C 214 -11.83 -30.14 -3.95
C ASP C 214 -11.28 -28.73 -4.10
N PRO C 215 -12.16 -27.75 -4.32
CA PRO C 215 -11.76 -26.35 -4.48
C PRO C 215 -10.77 -25.90 -3.42
N ASN C 216 -10.95 -26.38 -2.21
CA ASN C 216 -10.09 -26.01 -1.10
C ASN C 216 -8.67 -26.53 -1.23
N ASN C 217 -8.47 -27.48 -2.12
CA ASN C 217 -7.15 -28.05 -2.34
C ASN C 217 -6.20 -26.99 -2.92
N TYR C 218 -4.93 -27.05 -2.51
CA TYR C 218 -3.95 -26.11 -3.02
C TYR C 218 -3.60 -26.55 -4.45
N LEU C 219 -3.44 -25.56 -5.32
CA LEU C 219 -3.10 -25.84 -6.70
C LEU C 219 -1.92 -26.80 -6.80
N PHE C 220 -0.85 -26.50 -6.08
CA PHE C 220 0.36 -27.33 -6.08
C PHE C 220 0.49 -28.23 -4.86
N CYS C 221 0.95 -29.46 -5.08
CA CYS C 221 1.12 -30.40 -3.98
C CYS C 221 2.28 -31.35 -4.17
N ARG C 222 2.44 -32.17 -3.15
CA ARG C 222 3.48 -33.19 -3.07
C ARG C 222 3.25 -34.30 -4.10
N VAL C 223 4.34 -34.77 -4.71
CA VAL C 223 4.29 -35.88 -5.67
C VAL C 223 5.40 -36.86 -5.24
N ARG C 224 5.00 -37.94 -4.60
CA ARG C 224 5.92 -38.97 -4.11
C ARG C 224 6.74 -39.71 -5.18
N LYS C 225 7.77 -40.43 -4.74
CA LYS C 225 8.67 -41.17 -5.64
C LYS C 225 7.94 -42.14 -6.57
N ASN C 226 6.67 -42.42 -6.29
CA ASN C 226 5.89 -43.32 -7.12
C ASN C 226 5.05 -42.50 -8.09
N GLY C 227 5.46 -41.24 -8.31
CA GLY C 227 4.76 -40.37 -9.24
C GLY C 227 3.29 -40.16 -8.97
N VAL C 228 2.92 -40.17 -7.71
CA VAL C 228 1.51 -39.98 -7.34
C VAL C 228 1.33 -38.72 -6.50
N ALA C 229 0.53 -37.79 -7.01
CA ALA C 229 0.26 -36.53 -6.31
C ALA C 229 -0.57 -36.74 -5.05
N ALA C 230 -0.44 -35.81 -4.11
CA ALA C 230 -1.17 -35.92 -2.85
C ALA C 230 -1.90 -34.62 -2.50
N PRO C 231 -3.03 -34.33 -3.19
CA PRO C 231 -3.80 -33.10 -2.92
C PRO C 231 -4.07 -32.87 -1.45
N SER C 232 -4.24 -31.61 -1.09
CA SER C 232 -4.50 -31.25 0.29
C SER C 232 -4.96 -29.82 0.37
N ALA C 233 -5.92 -29.56 1.24
CA ALA C 233 -6.45 -28.21 1.40
C ALA C 233 -5.92 -27.57 2.67
N THR C 234 -5.20 -28.36 3.49
CA THR C 234 -4.66 -27.85 4.75
C THR C 234 -3.15 -27.63 4.71
N SER C 235 -2.48 -28.36 3.83
CA SER C 235 -1.03 -28.27 3.71
C SER C 235 -0.60 -27.79 2.32
N GLN C 236 0.34 -26.86 2.26
CA GLN C 236 0.84 -26.37 0.98
C GLN C 236 2.29 -26.81 0.81
N LEU C 237 2.83 -26.60 -0.38
CA LEU C 237 4.21 -26.97 -0.67
C LEU C 237 5.09 -25.91 -0.01
N SER C 238 6.15 -26.36 0.65
CA SER C 238 7.07 -25.43 1.31
C SER C 238 7.76 -24.63 0.20
N THR C 239 8.10 -23.39 0.49
CA THR C 239 8.77 -22.58 -0.51
C THR C 239 10.15 -23.18 -0.79
N ARG C 240 10.62 -23.98 0.15
CA ARG C 240 11.92 -24.67 0.02
C ARG C 240 11.79 -25.68 -1.12
N ALA C 241 10.64 -26.35 -1.19
CA ALA C 241 10.38 -27.30 -2.26
C ALA C 241 10.28 -26.57 -3.58
N LEU C 242 9.72 -25.36 -3.52
CA LEU C 242 9.58 -24.54 -4.72
C LEU C 242 10.92 -24.08 -5.24
N GLU C 243 11.84 -23.78 -4.33
CA GLU C 243 13.20 -23.35 -4.72
C GLU C 243 13.92 -24.56 -5.33
N GLY C 244 13.56 -25.76 -4.86
CA GLY C 244 14.16 -26.99 -5.37
C GLY C 244 13.82 -27.28 -6.82
N ILE C 245 12.59 -26.96 -7.22
CA ILE C 245 12.17 -27.15 -8.61
C ILE C 245 13.07 -26.31 -9.51
N PHE C 246 13.40 -25.11 -9.04
CA PHE C 246 14.24 -24.20 -9.78
C PHE C 246 15.68 -24.70 -9.92
N GLU C 247 16.26 -25.19 -8.83
CA GLU C 247 17.63 -25.70 -8.87
C GLU C 247 17.68 -27.03 -9.61
N ALA C 248 16.67 -27.87 -9.39
CA ALA C 248 16.60 -29.17 -10.06
C ALA C 248 16.55 -28.98 -11.57
N THR C 249 15.74 -28.00 -12.00
CA THR C 249 15.57 -27.69 -13.42
C THR C 249 16.89 -27.18 -14.02
N HIS C 250 17.67 -26.46 -13.23
CA HIS C 250 18.94 -25.92 -13.70
C HIS C 250 19.96 -27.05 -13.79
N ARG C 251 19.81 -28.03 -12.90
CA ARG C 251 20.70 -29.18 -12.87
C ARG C 251 20.44 -30.02 -14.11
N LEU C 252 19.16 -30.24 -14.40
CA LEU C 252 18.77 -31.00 -15.57
C LEU C 252 19.55 -30.50 -16.78
N ILE C 253 19.61 -29.18 -16.92
CA ILE C 253 20.28 -28.54 -18.06
C ILE C 253 21.79 -28.27 -17.96
N TYR C 254 22.31 -28.01 -16.76
CA TYR C 254 23.72 -27.68 -16.60
C TYR C 254 24.54 -28.60 -15.70
N GLY C 255 23.88 -29.51 -15.01
CA GLY C 255 24.60 -30.42 -14.13
C GLY C 255 24.94 -29.79 -12.80
N ALA C 256 25.54 -30.58 -11.92
CA ALA C 256 25.94 -30.14 -10.57
C ALA C 256 26.46 -28.70 -10.48
N LYS C 257 26.24 -28.07 -9.33
CA LYS C 257 26.68 -26.69 -9.09
C LYS C 257 28.18 -26.47 -9.22
N ASP C 258 28.61 -25.23 -8.99
CA ASP C 258 30.02 -24.84 -9.11
C ASP C 258 30.89 -25.06 -7.87
N ASP C 259 30.32 -25.66 -6.83
CA ASP C 259 31.03 -25.94 -5.58
C ASP C 259 31.98 -24.82 -5.11
N SER C 260 31.67 -23.58 -5.48
CA SER C 260 32.50 -22.44 -5.11
C SER C 260 32.02 -21.87 -3.79
N GLY C 261 30.86 -22.33 -3.35
CA GLY C 261 30.30 -21.84 -2.11
C GLY C 261 29.37 -20.67 -2.40
N GLN C 262 29.72 -19.88 -3.40
CA GLN C 262 28.92 -18.71 -3.78
C GLN C 262 27.41 -18.93 -3.83
N ARG C 263 26.68 -17.84 -4.02
CA ARG C 263 25.23 -17.87 -4.09
C ARG C 263 24.74 -17.55 -5.49
N TYR C 264 23.53 -18.01 -5.80
CA TYR C 264 22.93 -17.79 -7.11
C TYR C 264 23.73 -18.40 -8.26
N LEU C 265 24.19 -19.64 -8.05
CA LEU C 265 24.95 -20.36 -9.05
C LEU C 265 23.96 -21.07 -9.97
N ALA C 266 22.78 -21.39 -9.42
CA ALA C 266 21.71 -22.04 -10.16
C ALA C 266 20.53 -21.12 -10.02
N TRP C 267 19.37 -21.52 -10.53
CA TRP C 267 18.16 -20.70 -10.42
C TRP C 267 17.56 -20.83 -9.00
N SER C 268 16.95 -19.74 -8.52
CA SER C 268 16.32 -19.74 -7.19
C SER C 268 14.88 -19.21 -7.31
N GLY C 269 14.23 -19.01 -6.18
CA GLY C 269 12.85 -18.53 -6.20
C GLY C 269 12.55 -17.24 -6.96
N HIS C 270 13.52 -16.33 -7.04
CA HIS C 270 13.32 -15.04 -7.71
C HIS C 270 13.82 -15.00 -9.15
N SER C 271 14.33 -16.12 -9.66
CA SER C 271 14.89 -16.16 -11.01
C SER C 271 13.93 -15.82 -12.13
N ALA C 272 12.68 -16.27 -11.99
CA ALA C 272 11.67 -16.00 -12.99
C ALA C 272 11.25 -14.53 -12.95
N ARG C 273 11.31 -13.94 -11.77
CA ARG C 273 10.96 -12.54 -11.56
C ARG C 273 12.03 -11.66 -12.21
N VAL C 274 13.29 -12.03 -12.02
CA VAL C 274 14.42 -11.30 -12.59
C VAL C 274 14.41 -11.41 -14.12
N GLY C 275 14.16 -12.62 -14.61
CA GLY C 275 14.12 -12.88 -16.05
C GLY C 275 12.94 -12.30 -16.80
N ALA C 276 11.75 -12.32 -16.21
CA ALA C 276 10.55 -11.78 -16.86
C ALA C 276 10.63 -10.27 -16.97
N ALA C 277 11.29 -9.64 -16.02
CA ALA C 277 11.47 -8.19 -16.02
C ALA C 277 12.38 -7.80 -17.17
N ARG C 278 13.44 -8.59 -17.39
CA ARG C 278 14.40 -8.31 -18.47
C ARG C 278 13.81 -8.56 -19.85
N ASP C 279 13.04 -9.63 -19.98
CA ASP C 279 12.41 -9.92 -21.26
C ASP C 279 11.43 -8.81 -21.61
N MET C 280 10.75 -8.29 -20.59
CA MET C 280 9.76 -7.20 -20.73
C MET C 280 10.45 -5.88 -21.08
N ALA C 281 11.73 -5.77 -20.72
CA ALA C 281 12.50 -4.56 -21.00
C ALA C 281 13.13 -4.66 -22.40
N ARG C 282 13.56 -5.86 -22.75
CA ARG C 282 14.16 -6.13 -24.05
C ARG C 282 13.11 -5.90 -25.13
N ALA C 283 11.86 -6.24 -24.80
CA ALA C 283 10.74 -6.07 -25.72
C ALA C 283 10.15 -4.67 -25.57
N GLY C 284 10.88 -3.82 -24.85
CA GLY C 284 10.45 -2.45 -24.63
C GLY C 284 9.05 -2.23 -24.10
N VAL C 285 8.75 -2.76 -22.92
CA VAL C 285 7.42 -2.56 -22.35
C VAL C 285 7.55 -1.36 -21.42
N SER C 286 6.48 -0.56 -21.35
CA SER C 286 6.45 0.64 -20.52
C SER C 286 6.69 0.32 -19.05
N ILE C 287 7.61 1.05 -18.43
CA ILE C 287 7.93 0.81 -17.02
C ILE C 287 6.71 0.59 -16.13
N PRO C 288 5.62 1.37 -16.33
CA PRO C 288 4.44 1.16 -15.50
C PRO C 288 3.89 -0.26 -15.62
N GLU C 289 3.87 -0.77 -16.86
CA GLU C 289 3.37 -2.12 -17.09
C GLU C 289 4.30 -3.17 -16.50
N ILE C 290 5.56 -2.80 -16.33
CA ILE C 290 6.58 -3.70 -15.76
C ILE C 290 6.47 -3.72 -14.23
N MET C 291 5.97 -2.63 -13.67
CA MET C 291 5.79 -2.52 -12.24
C MET C 291 4.50 -3.23 -11.86
N GLN C 292 3.46 -3.09 -12.66
CA GLN C 292 2.19 -3.76 -12.41
C GLN C 292 2.45 -5.26 -12.45
N ALA C 293 3.35 -5.64 -13.36
CA ALA C 293 3.74 -7.03 -13.55
C ALA C 293 4.30 -7.62 -12.27
N GLY C 294 5.37 -7.01 -11.74
CA GLY C 294 5.99 -7.51 -10.52
C GLY C 294 5.36 -6.99 -9.24
N GLY C 295 4.45 -6.02 -9.35
CA GLY C 295 3.81 -5.46 -8.18
C GLY C 295 4.70 -4.45 -7.47
N TRP C 296 5.43 -3.68 -8.24
CA TRP C 296 6.32 -2.65 -7.70
C TRP C 296 5.62 -1.28 -7.71
N THR C 297 5.68 -0.57 -6.59
CA THR C 297 5.08 0.76 -6.52
C THR C 297 6.12 1.78 -6.94
N ASN C 298 7.38 1.32 -7.00
CA ASN C 298 8.51 2.14 -7.43
C ASN C 298 9.36 1.34 -8.42
N VAL C 299 10.51 1.90 -8.79
CA VAL C 299 11.38 1.22 -9.74
C VAL C 299 12.83 1.16 -9.29
N ASN C 300 13.03 0.75 -8.05
CA ASN C 300 14.39 0.68 -7.50
C ASN C 300 14.98 -0.72 -7.62
N ILE C 301 14.10 -1.72 -7.62
CA ILE C 301 14.54 -3.10 -7.72
C ILE C 301 14.58 -3.50 -9.18
N VAL C 302 13.50 -3.19 -9.89
CA VAL C 302 13.41 -3.51 -11.29
C VAL C 302 14.63 -3.00 -12.05
N MET C 303 15.13 -1.84 -11.65
CA MET C 303 16.29 -1.23 -12.31
C MET C 303 17.55 -2.05 -12.12
N ASN C 304 17.59 -2.84 -11.06
CA ASN C 304 18.74 -3.67 -10.77
C ASN C 304 18.74 -4.88 -11.66
N TYR C 305 17.53 -5.35 -11.99
CA TYR C 305 17.37 -6.53 -12.83
C TYR C 305 17.67 -6.30 -14.31
N ILE C 306 17.41 -5.09 -14.79
CA ILE C 306 17.62 -4.77 -16.19
C ILE C 306 18.78 -3.80 -16.41
N ARG C 307 19.62 -3.66 -15.41
CA ARG C 307 20.74 -2.73 -15.46
C ARG C 307 21.74 -2.90 -16.62
N ASN C 308 21.96 -4.14 -17.06
CA ASN C 308 22.93 -4.40 -18.12
C ASN C 308 22.35 -4.65 -19.52
N LEU C 309 21.08 -4.28 -19.73
CA LEU C 309 20.46 -4.45 -21.04
C LEU C 309 20.90 -3.24 -21.87
N ASP C 310 21.24 -3.47 -23.14
CA ASP C 310 21.68 -2.40 -24.03
C ASP C 310 20.62 -1.29 -24.12
N SER C 311 19.37 -1.64 -23.82
CA SER C 311 18.28 -0.67 -23.87
C SER C 311 18.37 0.31 -22.70
N GLU C 312 19.12 -0.08 -21.69
CA GLU C 312 19.32 0.74 -20.50
C GLU C 312 20.77 1.20 -20.42
N THR C 313 21.31 1.69 -21.51
CA THR C 313 22.71 2.12 -21.48
C THR C 313 22.94 3.59 -21.14
N GLY C 314 21.88 4.40 -21.16
CA GLY C 314 22.02 5.80 -20.80
C GLY C 314 22.12 6.80 -21.92
N ALA C 315 21.95 8.07 -21.56
CA ALA C 315 22.02 9.18 -22.51
C ALA C 315 23.39 9.33 -23.15
N MET C 316 24.44 9.22 -22.35
CA MET C 316 25.82 9.36 -22.85
C MET C 316 26.15 8.43 -24.01
N VAL C 317 25.77 7.16 -23.90
CA VAL C 317 26.04 6.20 -24.97
C VAL C 317 25.23 6.65 -26.17
N ARG C 318 24.05 7.20 -25.91
CA ARG C 318 23.17 7.68 -26.95
C ARG C 318 23.79 8.84 -27.69
N LEU C 319 24.33 9.80 -26.95
CA LEU C 319 24.97 10.98 -27.54
C LEU C 319 26.24 10.58 -28.28
N LEU C 320 27.05 9.75 -27.65
CA LEU C 320 28.30 9.32 -28.27
C LEU C 320 28.10 8.50 -29.55
N GLU C 321 27.08 7.65 -29.57
CA GLU C 321 26.85 6.84 -30.74
C GLU C 321 26.14 7.61 -31.87
N ASP C 322 25.81 8.86 -31.59
CA ASP C 322 25.18 9.79 -32.53
C ASP C 322 23.65 9.79 -32.49
N SER D 1 0.58 19.09 37.77
CA SER D 1 -0.83 19.11 38.27
C SER D 1 -1.52 20.39 37.85
N ASP D 2 -0.77 21.48 37.91
CA ASP D 2 -1.28 22.78 37.52
C ASP D 2 -0.68 23.18 36.19
N GLU D 3 0.48 22.62 35.89
CA GLU D 3 1.14 22.91 34.63
C GLU D 3 0.24 22.27 33.57
N VAL D 4 -0.34 21.13 33.93
CA VAL D 4 -1.22 20.42 33.02
C VAL D 4 -2.47 21.23 32.77
N ARG D 5 -3.03 21.76 33.86
CA ARG D 5 -4.23 22.57 33.77
C ARG D 5 -3.98 23.81 32.91
N LYS D 6 -2.78 24.36 32.99
CA LYS D 6 -2.45 25.53 32.20
C LYS D 6 -2.33 25.19 30.73
N ASN D 7 -1.65 24.08 30.43
CA ASN D 7 -1.48 23.64 29.07
C ASN D 7 -2.80 23.43 28.38
N LEU D 8 -3.69 22.72 29.05
CA LEU D 8 -4.99 22.46 28.50
C LEU D 8 -5.72 23.78 28.29
N MET D 9 -5.59 24.69 29.24
CA MET D 9 -6.27 25.97 29.13
C MET D 9 -5.73 26.75 27.95
N ASP D 10 -4.43 26.63 27.68
CA ASP D 10 -3.80 27.33 26.56
C ASP D 10 -4.29 26.77 25.22
N MET D 11 -4.49 25.47 25.19
CA MET D 11 -4.95 24.78 24.01
C MET D 11 -6.36 25.23 23.66
N PHE D 12 -7.21 25.34 24.68
CA PHE D 12 -8.59 25.75 24.47
C PHE D 12 -8.73 27.24 24.12
N ARG D 13 -7.85 28.06 24.66
CA ARG D 13 -7.88 29.48 24.39
C ARG D 13 -7.66 29.72 22.88
N ASP D 14 -6.62 29.10 22.35
CA ASP D 14 -6.30 29.22 20.94
C ASP D 14 -6.82 28.01 20.15
N ARG D 15 -8.12 27.76 20.33
CA ARG D 15 -8.86 26.67 19.69
C ARG D 15 -8.69 26.71 18.18
N GLN D 16 -8.82 27.93 17.64
CA GLN D 16 -8.71 28.20 16.23
C GLN D 16 -7.40 27.79 15.58
N ALA D 17 -6.48 27.25 16.35
CA ALA D 17 -5.20 26.81 15.79
C ALA D 17 -5.39 25.45 15.12
N PHE D 18 -6.46 24.75 15.52
CA PHE D 18 -6.79 23.43 14.98
C PHE D 18 -8.12 23.50 14.23
N SER D 19 -8.30 22.60 13.27
CA SER D 19 -9.53 22.55 12.52
C SER D 19 -10.69 22.14 13.44
N GLU D 20 -11.90 22.58 13.10
CA GLU D 20 -13.06 22.23 13.90
C GLU D 20 -13.27 20.71 13.88
N HIS D 21 -12.81 20.07 12.81
CA HIS D 21 -12.94 18.62 12.64
C HIS D 21 -12.09 17.85 13.63
N THR D 22 -10.93 18.41 13.94
CA THR D 22 -10.01 17.78 14.89
C THR D 22 -10.68 17.78 16.27
N TRP D 23 -11.24 18.94 16.65
CA TRP D 23 -11.93 19.09 17.93
C TRP D 23 -13.09 18.15 18.02
N LYS D 24 -13.85 18.11 16.95
CA LYS D 24 -15.01 17.26 16.88
C LYS D 24 -14.63 15.81 17.12
N MET D 25 -13.53 15.37 16.54
CA MET D 25 -13.12 13.96 16.72
C MET D 25 -12.47 13.74 18.07
N LEU D 26 -11.83 14.78 18.60
CA LEU D 26 -11.19 14.68 19.91
C LEU D 26 -12.27 14.41 20.96
N LEU D 27 -13.36 15.16 20.89
CA LEU D 27 -14.46 14.98 21.84
C LEU D 27 -15.19 13.67 21.66
N SER D 28 -15.25 13.20 20.42
CA SER D 28 -15.93 11.96 20.11
C SER D 28 -15.12 10.76 20.62
N VAL D 29 -13.80 10.82 20.48
CA VAL D 29 -12.95 9.72 20.99
C VAL D 29 -12.97 9.76 22.53
N CYS D 30 -12.91 10.96 23.10
CA CYS D 30 -12.94 11.10 24.56
C CYS D 30 -14.24 10.56 25.14
N ARG D 31 -15.33 10.73 24.39
CA ARG D 31 -16.64 10.25 24.80
C ARG D 31 -16.62 8.74 24.85
N SER D 32 -16.04 8.15 23.81
CA SER D 32 -15.93 6.71 23.65
C SER D 32 -15.05 6.09 24.74
N TRP D 33 -13.87 6.67 24.89
CA TRP D 33 -12.91 6.19 25.88
C TRP D 33 -13.43 6.36 27.31
N ALA D 34 -14.06 7.51 27.58
CA ALA D 34 -14.60 7.80 28.90
C ALA D 34 -15.73 6.84 29.23
N ALA D 35 -16.48 6.43 28.23
CA ALA D 35 -17.57 5.49 28.48
C ALA D 35 -17.04 4.10 28.80
N TRP D 36 -16.03 3.66 28.07
CA TRP D 36 -15.43 2.35 28.32
C TRP D 36 -14.84 2.35 29.73
N CYS D 37 -14.20 3.47 30.10
CA CYS D 37 -13.58 3.61 31.41
C CYS D 37 -14.58 3.51 32.54
N LYS D 38 -15.74 4.12 32.35
CA LYS D 38 -16.81 4.09 33.35
C LYS D 38 -17.34 2.66 33.48
N LEU D 39 -17.55 2.01 32.35
CA LEU D 39 -18.05 0.66 32.33
C LEU D 39 -17.07 -0.34 32.96
N ASN D 40 -15.82 0.12 33.17
CA ASN D 40 -14.78 -0.72 33.72
C ASN D 40 -14.14 -0.14 34.98
N ASN D 41 -14.80 0.87 35.54
CA ASN D 41 -14.32 1.53 36.74
C ASN D 41 -12.85 1.92 36.64
N ARG D 42 -12.50 2.72 35.64
CA ARG D 42 -11.11 3.18 35.48
C ARG D 42 -11.09 4.68 35.32
N LYS D 43 -9.94 5.28 35.56
CA LYS D 43 -9.78 6.72 35.42
C LYS D 43 -9.48 7.04 33.96
N TRP D 44 -10.29 7.90 33.33
CA TRP D 44 -10.05 8.21 31.93
C TRP D 44 -8.94 9.22 31.65
N PHE D 45 -8.52 9.99 32.66
CA PHE D 45 -7.44 10.95 32.42
C PHE D 45 -6.65 11.32 33.67
N PRO D 46 -5.32 11.19 33.64
CA PRO D 46 -4.48 10.72 32.53
C PRO D 46 -4.73 9.24 32.28
N ALA D 47 -4.53 8.82 31.04
CA ALA D 47 -4.78 7.43 30.68
C ALA D 47 -3.62 6.51 31.06
N GLU D 48 -3.97 5.34 31.59
CA GLU D 48 -2.99 4.35 31.97
C GLU D 48 -2.81 3.50 30.71
N PRO D 49 -1.56 3.25 30.30
CA PRO D 49 -1.22 2.46 29.12
C PRO D 49 -1.88 1.09 29.03
N GLU D 50 -1.89 0.34 30.11
CA GLU D 50 -2.52 -0.98 30.07
C GLU D 50 -4.02 -0.86 29.82
N ASP D 51 -4.61 0.24 30.27
CA ASP D 51 -6.05 0.52 30.10
C ASP D 51 -6.31 0.90 28.65
N VAL D 52 -5.44 1.72 28.09
CA VAL D 52 -5.59 2.12 26.70
C VAL D 52 -5.47 0.86 25.82
N ARG D 53 -4.55 -0.05 26.15
CA ARG D 53 -4.36 -1.27 25.37
C ARG D 53 -5.64 -2.12 25.35
N ASP D 54 -6.27 -2.26 26.51
CA ASP D 54 -7.54 -2.99 26.64
C ASP D 54 -8.63 -2.36 25.76
N TYR D 55 -8.67 -1.04 25.77
CA TYR D 55 -9.62 -0.27 24.99
C TYR D 55 -9.45 -0.47 23.49
N LEU D 56 -8.22 -0.44 23.00
CA LEU D 56 -7.97 -0.64 21.57
C LEU D 56 -8.38 -2.07 21.21
N LEU D 57 -8.12 -3.03 22.10
CA LEU D 57 -8.50 -4.42 21.82
C LEU D 57 -10.01 -4.56 21.82
N TYR D 58 -10.67 -3.72 22.60
CA TYR D 58 -12.13 -3.73 22.70
C TYR D 58 -12.72 -3.16 21.40
N LEU D 59 -12.05 -2.17 20.82
CA LEU D 59 -12.49 -1.55 19.58
C LEU D 59 -12.32 -2.53 18.43
N GLN D 60 -11.23 -3.30 18.46
CA GLN D 60 -11.00 -4.29 17.42
C GLN D 60 -12.07 -5.38 17.50
N ALA D 61 -12.40 -5.78 18.72
CA ALA D 61 -13.41 -6.81 18.93
C ALA D 61 -14.78 -6.33 18.50
N ARG D 62 -15.01 -5.02 18.53
CA ARG D 62 -16.30 -4.47 18.12
C ARG D 62 -16.39 -4.45 16.60
N GLY D 63 -15.28 -4.77 15.93
CA GLY D 63 -15.30 -4.82 14.49
C GLY D 63 -14.94 -3.52 13.77
N LEU D 64 -14.34 -2.56 14.46
CA LEU D 64 -13.98 -1.29 13.82
C LEU D 64 -12.76 -1.43 12.91
N ALA D 65 -12.64 -0.51 11.98
CA ALA D 65 -11.52 -0.51 11.03
C ALA D 65 -10.20 -0.20 11.74
N VAL D 66 -9.09 -0.53 11.09
CA VAL D 66 -7.77 -0.27 11.65
C VAL D 66 -7.50 1.22 11.73
N LYS D 67 -8.01 1.97 10.76
CA LYS D 67 -7.82 3.41 10.72
C LYS D 67 -8.66 4.11 11.78
N THR D 68 -9.79 3.48 12.15
CA THR D 68 -10.66 4.02 13.19
C THR D 68 -9.94 3.85 14.53
N ILE D 69 -9.33 2.69 14.70
CA ILE D 69 -8.62 2.41 15.93
C ILE D 69 -7.41 3.31 16.07
N GLN D 70 -6.71 3.52 14.96
CA GLN D 70 -5.55 4.40 15.00
C GLN D 70 -5.96 5.84 15.30
N GLN D 71 -7.19 6.21 14.96
CA GLN D 71 -7.69 7.56 15.21
C GLN D 71 -7.94 7.77 16.70
N HIS D 72 -8.56 6.77 17.32
CA HIS D 72 -8.85 6.81 18.74
C HIS D 72 -7.52 6.92 19.50
N LEU D 73 -6.56 6.11 19.10
CA LEU D 73 -5.28 6.16 19.74
C LEU D 73 -4.60 7.51 19.48
N GLY D 74 -4.80 8.05 18.28
CA GLY D 74 -4.19 9.32 17.93
C GLY D 74 -4.77 10.51 18.67
N GLN D 75 -6.08 10.47 18.95
CA GLN D 75 -6.71 11.57 19.68
C GLN D 75 -6.24 11.52 21.14
N LEU D 76 -6.11 10.32 21.70
CA LEU D 76 -5.64 10.12 23.07
C LEU D 76 -4.21 10.64 23.21
N ASN D 77 -3.39 10.35 22.20
CA ASN D 77 -1.99 10.79 22.22
C ASN D 77 -1.89 12.31 22.20
N MET D 78 -2.74 12.97 21.40
CA MET D 78 -2.71 14.42 21.30
C MET D 78 -3.15 15.07 22.59
N LEU D 79 -4.21 14.54 23.18
CA LEU D 79 -4.71 15.10 24.43
C LEU D 79 -3.61 15.07 25.50
N HIS D 80 -2.81 14.02 25.52
CA HIS D 80 -1.72 13.89 26.49
C HIS D 80 -0.49 14.71 26.15
N ARG D 81 -0.02 14.61 24.92
CA ARG D 81 1.17 15.36 24.52
C ARG D 81 0.96 16.87 24.69
N ARG D 82 -0.26 17.35 24.44
CA ARG D 82 -0.54 18.76 24.57
C ARG D 82 -0.86 19.16 25.99
N SER D 83 -1.05 18.16 26.85
CA SER D 83 -1.32 18.39 28.27
C SER D 83 0.02 18.45 28.98
N GLY D 84 1.08 18.09 28.26
CA GLY D 84 2.42 18.08 28.83
C GLY D 84 2.79 16.71 29.38
N LEU D 85 1.88 15.75 29.24
CA LEU D 85 2.07 14.39 29.73
C LEU D 85 2.63 13.44 28.67
N PRO D 86 3.06 12.25 29.11
CA PRO D 86 3.60 11.25 28.17
C PRO D 86 2.44 10.60 27.42
N ARG D 87 2.68 10.33 26.14
CA ARG D 87 1.66 9.73 25.28
C ARG D 87 1.48 8.25 25.54
N PRO D 88 0.23 7.77 25.47
CA PRO D 88 -0.04 6.34 25.67
C PRO D 88 0.87 5.51 24.75
N SER D 89 1.06 5.99 23.53
CA SER D 89 1.90 5.33 22.54
C SER D 89 3.37 5.27 22.94
N ASP D 90 3.71 5.96 24.03
CA ASP D 90 5.06 6.00 24.55
C ASP D 90 5.39 4.70 25.28
N SER D 91 4.39 3.87 25.51
CA SER D 91 4.62 2.60 26.18
C SER D 91 4.61 1.44 25.21
N ASN D 92 5.29 0.36 25.59
CA ASN D 92 5.39 -0.84 24.78
C ASN D 92 4.03 -1.46 24.58
N ALA D 93 3.28 -1.58 25.66
CA ALA D 93 1.97 -2.21 25.62
C ALA D 93 1.06 -1.62 24.57
N VAL D 94 1.08 -0.31 24.43
CA VAL D 94 0.21 0.34 23.47
C VAL D 94 0.78 0.28 22.06
N SER D 95 2.08 0.58 21.92
CA SER D 95 2.70 0.55 20.60
C SER D 95 2.69 -0.87 20.02
N LEU D 96 2.87 -1.87 20.87
CA LEU D 96 2.87 -3.25 20.43
C LEU D 96 1.49 -3.77 20.06
N VAL D 97 0.46 -3.39 20.82
CA VAL D 97 -0.89 -3.87 20.53
C VAL D 97 -1.44 -3.24 19.24
N MET D 98 -1.08 -1.98 18.98
CA MET D 98 -1.54 -1.27 17.79
C MET D 98 -0.99 -2.00 16.56
N ARG D 99 0.30 -2.30 16.61
CA ARG D 99 1.00 -3.01 15.54
C ARG D 99 0.36 -4.39 15.38
N ARG D 100 0.07 -5.04 16.49
CA ARG D 100 -0.54 -6.35 16.44
C ARG D 100 -1.95 -6.31 15.88
N ILE D 101 -2.71 -5.28 16.18
CA ILE D 101 -4.08 -5.16 15.65
C ILE D 101 -4.04 -4.87 14.14
N ARG D 102 -3.12 -4.02 13.70
CA ARG D 102 -2.99 -3.71 12.29
C ARG D 102 -2.67 -5.00 11.55
N LYS D 103 -1.69 -5.73 12.07
CA LYS D 103 -1.24 -6.99 11.51
C LYS D 103 -2.36 -8.02 11.38
N GLU D 104 -3.07 -8.30 12.46
CA GLU D 104 -4.15 -9.29 12.41
C GLU D 104 -5.34 -8.92 11.55
N ASN D 105 -5.68 -7.64 11.49
CA ASN D 105 -6.81 -7.22 10.68
C ASN D 105 -6.46 -7.28 9.21
N VAL D 106 -5.28 -6.74 8.88
CA VAL D 106 -4.78 -6.70 7.52
C VAL D 106 -4.56 -8.12 6.99
N ASP D 107 -4.13 -9.02 7.88
CA ASP D 107 -3.89 -10.42 7.55
C ASP D 107 -5.21 -11.11 7.27
N ALA D 108 -6.27 -10.69 7.98
CA ALA D 108 -7.57 -11.29 7.76
C ALA D 108 -8.23 -10.67 6.54
N GLY D 109 -7.50 -9.82 5.84
CA GLY D 109 -8.04 -9.22 4.63
C GLY D 109 -8.46 -7.76 4.63
N GLU D 110 -8.55 -7.13 5.78
CA GLU D 110 -8.96 -5.74 5.81
C GLU D 110 -8.10 -4.83 4.90
N ARG D 111 -8.75 -3.86 4.29
CA ARG D 111 -8.10 -2.90 3.41
C ARG D 111 -8.84 -1.58 3.43
N ALA D 112 -8.11 -0.47 3.41
CA ALA D 112 -8.75 0.83 3.41
C ALA D 112 -9.44 1.01 2.04
N LYS D 113 -10.74 1.35 2.06
CA LYS D 113 -11.46 1.52 0.82
C LYS D 113 -11.27 2.92 0.28
N GLN D 114 -11.75 3.16 -0.93
CA GLN D 114 -11.65 4.48 -1.51
C GLN D 114 -12.95 4.72 -2.25
N ALA D 115 -13.28 5.97 -2.53
CA ALA D 115 -14.54 6.30 -3.22
C ALA D 115 -14.79 5.61 -4.59
N LEU D 116 -16.07 5.35 -4.87
CA LEU D 116 -16.49 4.76 -6.13
C LEU D 116 -16.13 5.82 -7.17
N ALA D 117 -15.37 5.42 -8.18
CA ALA D 117 -14.96 6.38 -9.21
C ALA D 117 -16.07 6.95 -10.09
N PHE D 118 -15.96 8.24 -10.36
CA PHE D 118 -16.87 8.96 -11.24
C PHE D 118 -15.89 9.42 -12.30
N GLU D 119 -15.94 8.78 -13.46
CA GLU D 119 -15.03 9.08 -14.54
C GLU D 119 -15.63 9.83 -15.73
N ARG D 120 -14.80 10.04 -16.75
CA ARG D 120 -15.20 10.73 -17.97
C ARG D 120 -16.51 10.21 -18.57
N THR D 121 -16.65 8.89 -18.61
CA THR D 121 -17.86 8.28 -19.16
C THR D 121 -19.11 8.57 -18.33
N ASP D 122 -18.96 8.54 -17.01
CA ASP D 122 -20.08 8.81 -16.14
C ASP D 122 -20.49 10.25 -16.30
N PHE D 123 -19.51 11.15 -16.40
CA PHE D 123 -19.78 12.56 -16.56
C PHE D 123 -20.48 12.85 -17.87
N ASP D 124 -20.04 12.18 -18.93
CA ASP D 124 -20.65 12.36 -20.24
C ASP D 124 -22.10 11.86 -20.24
N GLN D 125 -22.35 10.75 -19.56
CA GLN D 125 -23.68 10.18 -19.52
C GLN D 125 -24.63 11.02 -18.68
N VAL D 126 -24.11 11.60 -17.61
CA VAL D 126 -24.93 12.45 -16.74
C VAL D 126 -25.18 13.78 -17.45
N ARG D 127 -24.17 14.33 -18.09
CA ARG D 127 -24.36 15.58 -18.81
C ARG D 127 -25.38 15.37 -19.94
N SER D 128 -25.31 14.23 -20.62
CA SER D 128 -26.23 13.94 -21.72
C SER D 128 -27.69 13.89 -21.29
N LEU D 129 -27.94 13.46 -20.06
CA LEU D 129 -29.31 13.40 -19.57
C LEU D 129 -29.78 14.72 -18.95
N MET D 130 -28.95 15.30 -18.10
CA MET D 130 -29.30 16.53 -17.39
C MET D 130 -29.12 17.80 -18.23
N GLU D 131 -28.39 17.69 -19.33
CA GLU D 131 -28.13 18.81 -20.24
C GLU D 131 -29.41 19.55 -20.64
N ASN D 132 -30.47 18.77 -20.83
CA ASN D 132 -31.76 19.28 -21.27
C ASN D 132 -32.73 19.77 -20.20
N SER D 133 -32.33 19.74 -18.94
CA SER D 133 -33.23 20.19 -17.88
C SER D 133 -33.16 21.69 -17.68
N ASP D 134 -34.28 22.27 -17.28
CA ASP D 134 -34.38 23.69 -17.04
C ASP D 134 -34.46 23.97 -15.56
N ARG D 135 -34.65 22.92 -14.78
CA ARG D 135 -34.72 23.07 -13.33
C ARG D 135 -33.43 23.65 -12.78
N CYS D 136 -33.59 24.57 -11.83
CA CYS D 136 -32.46 25.21 -11.19
C CYS D 136 -31.61 24.12 -10.51
N GLN D 137 -32.28 23.20 -9.84
CA GLN D 137 -31.58 22.10 -9.18
C GLN D 137 -30.64 21.39 -10.15
N ASP D 138 -31.20 20.92 -11.26
CA ASP D 138 -30.43 20.20 -12.28
C ASP D 138 -29.28 21.01 -12.88
N ILE D 139 -29.53 22.29 -13.13
CA ILE D 139 -28.49 23.15 -13.69
C ILE D 139 -27.32 23.30 -12.71
N ARG D 140 -27.66 23.40 -11.42
CA ARG D 140 -26.64 23.54 -10.37
C ARG D 140 -25.86 22.24 -10.21
N ASN D 141 -26.58 21.13 -10.08
CA ASN D 141 -25.93 19.84 -9.90
C ASN D 141 -24.98 19.48 -11.03
N LEU D 142 -25.37 19.76 -12.26
CA LEU D 142 -24.51 19.44 -13.38
C LEU D 142 -23.26 20.32 -13.33
N ALA D 143 -23.44 21.59 -12.98
CA ALA D 143 -22.30 22.53 -12.88
C ALA D 143 -21.35 22.09 -11.77
N PHE D 144 -21.90 21.60 -10.67
CA PHE D 144 -21.07 21.13 -9.57
C PHE D 144 -20.28 19.88 -10.01
N LEU D 145 -20.96 18.91 -10.62
CA LEU D 145 -20.32 17.68 -11.08
C LEU D 145 -19.18 18.00 -12.04
N GLY D 146 -19.39 19.01 -12.88
CA GLY D 146 -18.37 19.39 -13.85
C GLY D 146 -17.13 19.98 -13.20
N ILE D 147 -17.34 20.90 -12.28
CA ILE D 147 -16.22 21.53 -11.58
C ILE D 147 -15.45 20.45 -10.78
N ALA D 148 -16.18 19.53 -10.15
CA ALA D 148 -15.55 18.48 -9.35
C ALA D 148 -14.62 17.59 -10.14
N TYR D 149 -15.07 17.19 -11.33
CA TYR D 149 -14.30 16.32 -12.20
C TYR D 149 -13.16 17.05 -12.91
N ASN D 150 -13.44 18.28 -13.30
CA ASN D 150 -12.46 19.10 -14.01
C ASN D 150 -11.32 19.58 -13.11
N THR D 151 -11.64 19.91 -11.86
CA THR D 151 -10.61 20.44 -10.94
C THR D 151 -10.06 19.49 -9.88
N LEU D 152 -10.77 18.39 -9.62
CA LEU D 152 -10.35 17.43 -8.62
C LEU D 152 -10.38 18.01 -7.22
N LEU D 153 -11.05 19.15 -7.06
CA LEU D 153 -11.16 19.81 -5.75
C LEU D 153 -12.02 19.03 -4.77
N LYS D 154 -11.65 19.06 -3.48
CA LYS D 154 -12.41 18.36 -2.43
C LYS D 154 -13.75 19.08 -2.24
N ILE D 155 -14.76 18.40 -1.71
CA ILE D 155 -16.05 19.05 -1.57
C ILE D 155 -16.01 20.31 -0.70
N ALA D 156 -15.15 20.32 0.31
CA ALA D 156 -15.05 21.48 1.19
C ALA D 156 -14.46 22.69 0.46
N GLU D 157 -13.53 22.46 -0.46
CA GLU D 157 -12.93 23.57 -1.22
C GLU D 157 -13.94 24.15 -2.19
N ILE D 158 -14.81 23.28 -2.70
CA ILE D 158 -15.82 23.71 -3.65
C ILE D 158 -16.87 24.56 -2.96
N ALA D 159 -17.29 24.16 -1.77
CA ALA D 159 -18.30 24.92 -1.04
C ALA D 159 -17.77 26.30 -0.60
N ARG D 160 -16.46 26.44 -0.59
CA ARG D 160 -15.79 27.66 -0.17
C ARG D 160 -15.71 28.70 -1.28
N ILE D 161 -15.80 28.28 -2.54
CA ILE D 161 -15.67 29.23 -3.64
C ILE D 161 -16.65 30.41 -3.60
N ARG D 162 -16.13 31.61 -3.86
CA ARG D 162 -16.97 32.81 -3.91
C ARG D 162 -16.96 33.29 -5.36
N VAL D 163 -17.98 34.05 -5.72
CA VAL D 163 -18.11 34.57 -7.08
C VAL D 163 -16.89 35.38 -7.51
N LYS D 164 -16.31 36.10 -6.56
CA LYS D 164 -15.13 36.93 -6.84
C LYS D 164 -13.84 36.13 -7.07
N ASP D 165 -13.86 34.84 -6.74
CA ASP D 165 -12.69 33.98 -6.92
C ASP D 165 -12.59 33.53 -8.38
N ILE D 166 -13.62 33.82 -9.14
CA ILE D 166 -13.65 33.40 -10.53
C ILE D 166 -13.17 34.45 -11.53
N SER D 167 -12.14 34.12 -12.28
CA SER D 167 -11.60 35.02 -13.31
C SER D 167 -11.75 34.29 -14.63
N ARG D 168 -11.06 34.76 -15.66
CA ARG D 168 -11.17 34.10 -16.96
C ARG D 168 -9.94 34.29 -17.82
N THR D 169 -9.57 33.24 -18.55
CA THR D 169 -8.40 33.28 -19.42
C THR D 169 -8.70 34.17 -20.62
N ASP D 170 -7.65 34.53 -21.34
CA ASP D 170 -7.80 35.36 -22.53
C ASP D 170 -8.57 34.55 -23.57
N GLY D 171 -8.72 33.26 -23.31
CA GLY D 171 -9.41 32.36 -24.21
C GLY D 171 -10.87 32.14 -23.88
N GLY D 172 -11.32 32.69 -22.77
CA GLY D 172 -12.72 32.53 -22.41
C GLY D 172 -12.97 31.37 -21.47
N ARG D 173 -11.89 30.80 -20.94
CA ARG D 173 -12.00 29.68 -20.01
C ARG D 173 -12.08 30.24 -18.59
N MET D 174 -12.95 29.68 -17.77
CA MET D 174 -13.07 30.18 -16.40
C MET D 174 -11.88 29.73 -15.54
N LEU D 175 -11.61 30.50 -14.50
CA LEU D 175 -10.50 30.22 -13.60
C LEU D 175 -10.91 30.44 -12.17
N ILE D 176 -10.79 29.41 -11.34
CA ILE D 176 -11.13 29.56 -9.93
C ILE D 176 -9.88 29.60 -9.05
N HIS D 177 -9.72 30.72 -8.36
CA HIS D 177 -8.59 30.87 -7.48
C HIS D 177 -8.93 30.18 -6.16
N ILE D 178 -8.03 29.31 -5.71
CA ILE D 178 -8.24 28.61 -4.46
C ILE D 178 -7.11 28.92 -3.49
N GLY D 179 -7.46 29.16 -2.24
CA GLY D 179 -6.46 29.44 -1.22
C GLY D 179 -6.33 28.34 -0.17
N ARG D 180 -6.78 27.70 0.38
CA ARG D 180 -6.03 26.77 1.27
C ARG D 180 -6.71 25.43 1.48
N THR D 181 -6.72 25.02 2.77
CA THR D 181 -6.87 23.63 3.13
C THR D 181 -6.08 22.89 4.26
N LYS D 182 -6.24 21.56 4.16
CA LYS D 182 -5.63 20.52 5.04
C LYS D 182 -4.16 20.85 5.25
N THR D 183 -4.72 21.75 4.39
CA THR D 183 -3.27 21.85 4.41
C THR D 183 -2.65 23.19 3.98
N LEU D 184 -3.29 22.80 2.28
CA LEU D 184 -2.58 24.04 1.96
C LEU D 184 -3.19 25.34 2.47
N VAL D 185 -2.41 26.06 3.27
CA VAL D 185 -2.82 27.35 3.81
C VAL D 185 -1.83 28.35 3.24
N SER D 186 -1.70 29.00 2.05
CA SER D 186 -0.49 29.71 1.65
C SER D 186 -0.82 31.05 1.27
N THR D 187 0.06 31.59 1.07
CA THR D 187 0.23 32.93 0.56
C THR D 187 -0.45 33.22 -0.67
N ALA D 188 0.02 32.78 -1.37
CA ALA D 188 -0.07 32.90 -2.81
C ALA D 188 -1.36 32.28 -3.31
N GLY D 189 -1.43 30.96 -3.24
CA GLY D 189 -2.63 30.24 -3.68
C GLY D 189 -2.52 29.60 -5.06
N VAL D 190 -3.65 29.17 -5.60
CA VAL D 190 -3.66 28.54 -6.93
C VAL D 190 -4.86 28.92 -7.78
N GLU D 191 -4.78 28.57 -9.06
CA GLU D 191 -5.86 28.84 -9.99
C GLU D 191 -6.23 27.53 -10.66
N LYS D 192 -7.52 27.28 -10.80
CA LYS D 192 -7.97 26.06 -11.46
C LYS D 192 -8.76 26.48 -12.69
N ALA D 193 -8.28 26.04 -13.85
CA ALA D 193 -8.92 26.36 -15.14
C ALA D 193 -9.98 25.34 -15.55
N LEU D 194 -11.09 25.83 -16.10
CA LEU D 194 -12.17 24.95 -16.55
C LEU D 194 -12.15 24.88 -18.07
N SER D 195 -12.52 23.71 -18.60
CA SER D 195 -12.57 23.50 -20.03
C SER D 195 -13.70 24.38 -20.53
N LEU D 196 -13.70 24.67 -21.82
CA LEU D 196 -14.74 25.51 -22.39
C LEU D 196 -16.14 24.93 -22.16
N GLY D 197 -16.28 23.62 -22.29
CA GLY D 197 -17.57 23.01 -22.07
C GLY D 197 -18.04 23.16 -20.62
N VAL D 198 -17.14 22.93 -19.68
CA VAL D 198 -17.50 23.05 -18.28
C VAL D 198 -17.77 24.50 -17.88
N THR D 199 -17.00 25.45 -18.40
CA THR D 199 -17.27 26.83 -18.00
C THR D 199 -18.65 27.21 -18.51
N LYS D 200 -19.11 26.57 -19.58
CA LYS D 200 -20.44 26.88 -20.08
C LYS D 200 -21.50 26.45 -19.06
N LEU D 201 -21.29 25.27 -18.47
CA LEU D 201 -22.22 24.73 -17.47
C LEU D 201 -22.33 25.64 -16.26
N VAL D 202 -21.18 26.21 -15.88
CA VAL D 202 -21.13 27.10 -14.72
C VAL D 202 -21.79 28.42 -15.04
N GLU D 203 -21.55 28.93 -16.25
CA GLU D 203 -22.15 30.18 -16.70
C GLU D 203 -23.67 30.05 -16.60
N ARG D 204 -24.20 28.94 -17.08
CA ARG D 204 -25.63 28.72 -17.04
C ARG D 204 -26.18 28.69 -15.61
N TRP D 205 -25.36 28.25 -14.66
CA TRP D 205 -25.81 28.18 -13.27
C TRP D 205 -25.83 29.58 -12.64
N ILE D 206 -24.80 30.37 -12.88
CA ILE D 206 -24.73 31.71 -12.34
C ILE D 206 -25.93 32.52 -12.82
N SER D 207 -26.24 32.37 -14.09
CA SER D 207 -27.36 33.07 -14.70
C SER D 207 -28.70 32.74 -14.06
N VAL D 208 -29.03 31.47 -13.97
CA VAL D 208 -30.32 31.09 -13.41
C VAL D 208 -30.40 31.24 -11.88
N SER D 209 -29.24 31.24 -11.22
CA SER D 209 -29.22 31.35 -9.75
C SER D 209 -29.20 32.79 -9.28
N GLY D 210 -28.47 33.61 -10.02
CA GLY D 210 -28.37 35.01 -9.66
C GLY D 210 -27.39 35.21 -8.52
N VAL D 211 -26.33 34.39 -8.46
CA VAL D 211 -25.32 34.51 -7.41
C VAL D 211 -24.31 35.59 -7.76
N ALA D 212 -24.32 36.03 -9.01
CA ALA D 212 -23.39 37.06 -9.45
C ALA D 212 -23.75 38.43 -8.89
N ASP D 213 -24.95 38.55 -8.35
CA ASP D 213 -25.45 39.80 -7.76
C ASP D 213 -24.39 40.44 -6.86
N ASP D 214 -23.67 39.59 -6.13
CA ASP D 214 -22.64 40.04 -5.22
C ASP D 214 -21.41 39.13 -5.30
N PRO D 215 -20.23 39.71 -5.66
CA PRO D 215 -18.97 38.96 -5.78
C PRO D 215 -18.55 38.21 -4.52
N ASN D 216 -19.24 38.49 -3.43
CA ASN D 216 -18.92 37.86 -2.16
C ASN D 216 -19.76 36.61 -1.99
N ASN D 217 -20.80 36.48 -2.81
CA ASN D 217 -21.66 35.33 -2.73
C ASN D 217 -20.87 34.05 -2.98
N TYR D 218 -21.28 32.97 -2.33
CA TYR D 218 -20.61 31.68 -2.54
C TYR D 218 -21.17 31.22 -3.87
N LEU D 219 -20.34 30.58 -4.69
CA LEU D 219 -20.78 30.10 -6.00
C LEU D 219 -21.98 29.14 -5.94
N PHE D 220 -21.97 28.18 -5.03
CA PHE D 220 -23.10 27.25 -4.92
C PHE D 220 -23.93 27.55 -3.68
N CYS D 221 -25.24 27.39 -3.80
CA CYS D 221 -26.18 27.65 -2.71
C CYS D 221 -27.35 26.70 -2.79
N ARG D 222 -28.22 26.71 -1.79
CA ARG D 222 -29.36 25.81 -1.84
C ARG D 222 -30.38 26.26 -2.88
N VAL D 223 -31.29 25.35 -3.19
CA VAL D 223 -32.34 25.62 -4.17
C VAL D 223 -33.55 24.92 -3.59
N ARG D 224 -34.55 25.71 -3.21
CA ARG D 224 -35.76 25.18 -2.60
C ARG D 224 -36.69 24.41 -3.53
N LYS D 225 -37.65 23.69 -2.95
CA LYS D 225 -38.60 22.89 -3.74
C LYS D 225 -39.25 23.65 -4.92
N ASN D 226 -39.40 24.98 -4.80
CA ASN D 226 -40.04 25.78 -5.85
C ASN D 226 -39.08 26.27 -6.95
N GLY D 227 -37.82 25.83 -6.86
CA GLY D 227 -36.83 26.18 -7.86
C GLY D 227 -36.08 27.47 -7.65
N VAL D 228 -36.37 28.17 -6.55
CA VAL D 228 -35.68 29.44 -6.31
C VAL D 228 -34.37 29.26 -5.53
N ALA D 229 -33.29 29.80 -6.09
CA ALA D 229 -31.99 29.69 -5.47
C ALA D 229 -31.91 30.68 -4.29
N ALA D 230 -31.09 30.38 -3.29
CA ALA D 230 -30.93 31.29 -2.13
C ALA D 230 -29.46 31.66 -1.95
N PRO D 231 -28.94 32.59 -2.77
CA PRO D 231 -27.54 33.02 -2.66
C PRO D 231 -27.24 33.55 -1.28
N SER D 232 -26.00 33.38 -0.85
CA SER D 232 -25.58 33.85 0.46
C SER D 232 -24.08 34.08 0.49
N ALA D 233 -23.67 35.04 1.28
CA ALA D 233 -22.26 35.36 1.40
C ALA D 233 -21.78 35.00 2.79
N THR D 234 -22.69 34.48 3.62
CA THR D 234 -22.35 34.12 4.98
C THR D 234 -22.36 32.61 5.21
N SER D 235 -23.27 31.93 4.53
CA SER D 235 -23.36 30.49 4.66
C SER D 235 -23.07 29.81 3.34
N GLN D 236 -22.54 28.60 3.41
CA GLN D 236 -22.26 27.86 2.19
C GLN D 236 -23.11 26.61 2.16
N LEU D 237 -23.22 26.00 1.00
CA LEU D 237 -23.98 24.76 0.86
C LEU D 237 -23.20 23.73 1.69
N SER D 238 -23.85 23.04 2.61
CA SER D 238 -23.16 22.05 3.43
C SER D 238 -22.47 20.99 2.57
N THR D 239 -21.30 20.54 3.01
CA THR D 239 -20.61 19.49 2.26
C THR D 239 -21.50 18.24 2.30
N ARG D 240 -22.39 18.16 3.27
CA ARG D 240 -23.30 17.02 3.35
C ARG D 240 -24.29 17.07 2.19
N ALA D 241 -24.60 18.27 1.71
CA ALA D 241 -25.52 18.44 0.60
C ALA D 241 -24.78 18.08 -0.66
N LEU D 242 -23.52 18.49 -0.75
CA LEU D 242 -22.71 18.17 -1.91
C LEU D 242 -22.52 16.63 -2.06
N GLU D 243 -22.41 15.90 -0.96
CA GLU D 243 -22.27 14.45 -1.04
C GLU D 243 -23.61 13.90 -1.53
N GLY D 244 -24.66 14.66 -1.25
CA GLY D 244 -26.02 14.27 -1.64
C GLY D 244 -26.26 14.35 -3.14
N ILE D 245 -25.60 15.31 -3.80
CA ILE D 245 -25.73 15.47 -5.24
C ILE D 245 -25.06 14.26 -5.91
N PHE D 246 -23.91 13.83 -5.41
CA PHE D 246 -23.23 12.68 -5.98
C PHE D 246 -24.08 11.43 -5.76
N GLU D 247 -24.71 11.33 -4.60
CA GLU D 247 -25.54 10.17 -4.30
C GLU D 247 -26.85 10.10 -5.09
N ALA D 248 -27.48 11.26 -5.30
CA ALA D 248 -28.73 11.32 -6.03
C ALA D 248 -28.50 11.09 -7.53
N THR D 249 -27.36 11.55 -8.03
CA THR D 249 -27.03 11.36 -9.43
C THR D 249 -26.81 9.88 -9.72
N HIS D 250 -26.17 9.17 -8.79
CA HIS D 250 -25.92 7.76 -8.96
C HIS D 250 -27.25 7.00 -8.96
N ARG D 251 -28.16 7.40 -8.06
CA ARG D 251 -29.47 6.77 -7.96
C ARG D 251 -30.32 7.03 -9.22
N LEU D 252 -30.10 8.18 -9.83
CA LEU D 252 -30.78 8.59 -11.05
C LEU D 252 -30.44 7.58 -12.14
N ILE D 253 -29.15 7.28 -12.29
CA ILE D 253 -28.68 6.33 -13.29
C ILE D 253 -28.84 4.86 -12.90
N TYR D 254 -28.50 4.50 -11.66
CA TYR D 254 -28.58 3.09 -11.26
C TYR D 254 -29.65 2.66 -10.30
N GLY D 255 -30.45 3.59 -9.80
CA GLY D 255 -31.49 3.18 -8.90
C GLY D 255 -31.01 3.11 -7.46
N ALA D 256 -31.91 2.73 -6.57
CA ALA D 256 -31.67 2.65 -5.15
C ALA D 256 -30.51 1.78 -4.70
N LYS D 257 -29.81 2.27 -3.68
CA LYS D 257 -28.67 1.61 -3.08
C LYS D 257 -29.01 0.20 -2.63
N ASP D 258 -27.99 -0.56 -2.30
CA ASP D 258 -28.12 -1.93 -1.82
C ASP D 258 -28.85 -1.93 -0.47
N ASP D 259 -28.55 -2.93 0.36
CA ASP D 259 -29.14 -3.04 1.69
C ASP D 259 -28.07 -3.53 2.65
N SER D 260 -26.92 -3.89 2.09
CA SER D 260 -25.78 -4.38 2.86
C SER D 260 -25.26 -3.40 3.91
N GLY D 261 -25.52 -2.12 3.71
CA GLY D 261 -25.05 -1.11 4.66
C GLY D 261 -23.62 -0.72 4.36
N GLN D 262 -23.01 -1.38 3.38
CA GLN D 262 -21.65 -1.09 2.98
C GLN D 262 -21.46 0.36 2.55
N ARG D 263 -20.21 0.81 2.54
CA ARG D 263 -19.88 2.16 2.12
C ARG D 263 -19.44 2.13 0.68
N TYR D 264 -19.62 3.25 -0.01
CA TYR D 264 -19.23 3.39 -1.40
C TYR D 264 -20.05 2.57 -2.41
N LEU D 265 -21.33 2.39 -2.15
CA LEU D 265 -22.19 1.67 -3.07
C LEU D 265 -22.69 2.65 -4.14
N ALA D 266 -22.46 3.94 -3.91
CA ALA D 266 -22.88 5.00 -4.81
C ALA D 266 -21.75 6.03 -4.80
N TRP D 267 -21.81 7.01 -5.71
CA TRP D 267 -20.79 8.05 -5.74
C TRP D 267 -20.88 8.89 -4.47
N SER D 268 -19.75 9.46 -4.07
CA SER D 268 -19.69 10.30 -2.87
C SER D 268 -18.76 11.47 -3.14
N GLY D 269 -18.65 12.34 -2.15
CA GLY D 269 -17.82 13.54 -2.24
C GLY D 269 -16.46 13.40 -2.87
N HIS D 270 -15.85 12.24 -2.77
CA HIS D 270 -14.52 12.05 -3.32
C HIS D 270 -14.47 11.35 -4.68
N SER D 271 -15.63 10.91 -5.18
CA SER D 271 -15.71 10.17 -6.43
C SER D 271 -15.08 10.76 -7.71
N ALA D 272 -15.28 12.06 -7.95
CA ALA D 272 -14.74 12.69 -9.15
C ALA D 272 -13.24 12.90 -9.07
N ARG D 273 -12.76 13.09 -7.85
CA ARG D 273 -11.35 13.30 -7.59
C ARG D 273 -10.58 12.01 -7.88
N VAL D 274 -11.10 10.86 -7.43
CA VAL D 274 -10.43 9.58 -7.69
C VAL D 274 -10.66 9.16 -9.13
N GLY D 275 -11.81 9.54 -9.69
CA GLY D 275 -12.11 9.19 -11.06
C GLY D 275 -11.27 9.97 -12.08
N ALA D 276 -11.04 11.26 -11.82
CA ALA D 276 -10.24 12.10 -12.71
C ALA D 276 -8.77 11.67 -12.64
N ALA D 277 -8.28 11.49 -11.42
CA ALA D 277 -6.90 11.06 -11.21
C ALA D 277 -6.64 9.84 -12.05
N ARG D 278 -7.53 8.86 -11.98
CA ARG D 278 -7.37 7.62 -12.73
C ARG D 278 -7.46 7.77 -14.24
N ASP D 279 -8.30 8.70 -14.72
CA ASP D 279 -8.45 8.91 -16.17
C ASP D 279 -7.17 9.48 -16.76
N MET D 280 -6.53 10.40 -16.04
CA MET D 280 -5.30 11.04 -16.48
C MET D 280 -4.19 10.00 -16.61
N ALA D 281 -4.07 9.16 -15.60
CA ALA D 281 -3.07 8.09 -15.58
C ALA D 281 -3.26 7.19 -16.78
N ARG D 282 -4.47 6.69 -16.95
CA ARG D 282 -4.75 5.80 -18.08
C ARG D 282 -4.64 6.54 -19.40
N ALA D 283 -4.31 7.83 -19.36
CA ALA D 283 -4.19 8.58 -20.61
C ALA D 283 -2.73 8.88 -20.94
N GLY D 284 -1.85 8.59 -20.01
CA GLY D 284 -0.43 8.83 -20.21
C GLY D 284 0.06 10.11 -19.57
N VAL D 285 -0.81 10.80 -18.84
CA VAL D 285 -0.39 12.04 -18.22
C VAL D 285 0.77 11.77 -17.25
N SER D 286 1.78 12.63 -17.28
CA SER D 286 2.93 12.46 -16.40
C SER D 286 2.56 12.68 -14.94
N ILE D 287 3.33 12.07 -14.04
CA ILE D 287 3.06 12.20 -12.62
C ILE D 287 3.06 13.66 -12.13
N PRO D 288 4.07 14.45 -12.53
CA PRO D 288 4.10 15.85 -12.08
C PRO D 288 2.87 16.62 -12.52
N GLU D 289 2.34 16.25 -13.69
CA GLU D 289 1.13 16.88 -14.25
C GLU D 289 -0.10 16.43 -13.49
N ILE D 290 -0.16 15.14 -13.23
CA ILE D 290 -1.25 14.56 -12.47
C ILE D 290 -1.22 15.12 -11.06
N MET D 291 -0.01 15.31 -10.55
CA MET D 291 0.18 15.83 -9.21
C MET D 291 -0.31 17.27 -9.13
N GLN D 292 0.07 18.07 -10.11
CA GLN D 292 -0.33 19.46 -10.15
C GLN D 292 -1.85 19.54 -10.15
N ALA D 293 -2.47 18.68 -10.95
CA ALA D 293 -3.92 18.61 -11.09
C ALA D 293 -4.67 18.40 -9.77
N GLY D 294 -4.16 17.49 -8.94
CA GLY D 294 -4.84 17.21 -7.68
C GLY D 294 -4.30 17.98 -6.50
N GLY D 295 -3.17 18.65 -6.66
CA GLY D 295 -2.59 19.40 -5.56
C GLY D 295 -1.70 18.50 -4.72
N TRP D 296 -1.55 17.25 -5.13
CA TRP D 296 -0.71 16.29 -4.41
C TRP D 296 0.74 16.77 -4.45
N THR D 297 1.41 16.72 -3.30
CA THR D 297 2.80 17.16 -3.22
C THR D 297 3.76 16.00 -3.33
N ASN D 298 3.24 14.81 -3.09
CA ASN D 298 4.07 13.61 -3.16
C ASN D 298 3.51 12.60 -4.14
N VAL D 299 4.42 11.79 -4.70
CA VAL D 299 4.07 10.77 -5.67
C VAL D 299 3.41 9.55 -5.04
N ASN D 300 3.20 9.60 -3.74
CA ASN D 300 2.65 8.45 -3.02
C ASN D 300 1.12 8.42 -3.06
N ILE D 301 0.50 9.51 -2.64
CA ILE D 301 -0.97 9.60 -2.60
C ILE D 301 -1.55 9.33 -3.99
N VAL D 302 -0.92 9.93 -4.97
CA VAL D 302 -1.31 9.79 -6.38
C VAL D 302 -1.39 8.30 -6.72
N MET D 303 -0.29 7.62 -6.48
CA MET D 303 -0.19 6.19 -6.73
C MET D 303 -1.33 5.45 -6.00
N ASN D 304 -1.86 6.14 -4.99
CA ASN D 304 -2.89 5.57 -4.11
C ASN D 304 -4.30 5.57 -4.71
N TYR D 305 -4.67 6.59 -5.48
CA TYR D 305 -6.01 6.56 -6.11
C TYR D 305 -5.95 5.52 -7.23
N ILE D 306 -4.73 5.36 -7.69
CA ILE D 306 -4.38 4.36 -8.69
C ILE D 306 -4.04 3.08 -7.95
N ARG D 307 -4.07 3.22 -6.63
CA ARG D 307 -3.80 2.12 -5.69
C ARG D 307 -4.76 0.98 -5.99
N ASN D 308 -5.89 1.34 -6.56
CA ASN D 308 -6.92 0.37 -6.94
C ASN D 308 -7.10 0.39 -8.45
N LEU D 309 -6.01 0.61 -9.16
CA LEU D 309 -6.03 0.64 -10.61
C LEU D 309 -5.27 -0.59 -11.12
N ASP D 310 -4.66 -1.32 -10.20
CA ASP D 310 -3.92 -2.53 -10.55
C ASP D 310 -4.87 -3.59 -11.12
N SER D 311 -4.60 -4.00 -12.35
CA SER D 311 -5.40 -4.99 -13.04
C SER D 311 -4.50 -5.64 -14.09
N GLU D 312 -4.73 -6.92 -14.35
CA GLU D 312 -3.94 -7.65 -15.35
C GLU D 312 -3.86 -6.83 -16.65
N THR D 313 -2.65 -6.37 -16.98
CA THR D 313 -2.43 -5.58 -18.19
C THR D 313 -2.35 -6.51 -19.39
N GLY D 314 -1.82 -7.72 -19.16
CA GLY D 314 -1.68 -8.68 -20.24
C GLY D 314 -0.30 -8.55 -20.87
N ALA D 315 0.53 -7.71 -20.26
CA ALA D 315 1.87 -7.48 -20.76
C ALA D 315 2.64 -8.78 -20.99
N MET D 316 2.75 -9.61 -19.95
CA MET D 316 3.46 -10.88 -20.04
C MET D 316 2.68 -11.86 -20.90
N VAL D 317 1.36 -11.79 -20.80
CA VAL D 317 0.48 -12.66 -21.59
C VAL D 317 0.58 -12.39 -23.08
N ARG D 318 1.35 -11.36 -23.45
CA ARG D 318 1.53 -10.98 -24.85
C ARG D 318 2.92 -11.39 -25.31
N LEU D 319 3.88 -11.26 -24.42
CA LEU D 319 5.25 -11.61 -24.71
C LEU D 319 5.29 -13.11 -24.99
N LEU D 320 4.57 -13.84 -24.17
CA LEU D 320 4.51 -15.28 -24.29
C LEU D 320 3.71 -15.72 -25.50
N GLU D 321 2.62 -15.01 -25.76
CA GLU D 321 1.74 -15.35 -26.87
C GLU D 321 2.24 -14.91 -28.22
N ASP D 322 3.56 -14.89 -28.39
CA ASP D 322 4.13 -14.50 -29.67
C ASP D 322 5.57 -14.95 -29.76
#